data_8IVX
#
_entry.id   8IVX
#
_cell.length_a   89.501
_cell.length_b   89.411
_cell.length_c   130.877
_cell.angle_alpha   90.00
_cell.angle_beta   94.18
_cell.angle_gamma   90.00
#
_symmetry.space_group_name_H-M   'C 1 2 1'
#
loop_
_entity.id
_entity.type
_entity.pdbx_description
1 polymer aNRP2-14
2 polymer 'Heavy chain of antibody 14V4 Fab fragment'
3 polymer 'Light chain of antibody 14V4 Fab fragment'
4 non-polymer 1,2-ETHANEDIOL
5 water water
#
loop_
_entity_poly.entity_id
_entity_poly.type
_entity_poly.pdbx_seq_one_letter_code
_entity_poly.pdbx_strand_id
1 'polypeptide(L)'
;HHHHHHENLYFQDPPCGGRLNSKDAGYITSPGYPQDYPSHQNCEWIVYAPEPNQKIVLNFNPHFEIEKHDCKYDFIEIRD
GDSESADLLGKHCGNIAPPTIISSGSMLYIKFTSDYARQGAGFSLRYEIFKTGSEDCSKNFTSPNGTIESPGFPEKYPHN
LDCTFTILAKPKMEIILQFLIFDLEHDPLQVGEGDCKYDWLDIWDGIPHVGPLIGKYCGTKTPSELRSSTGILSLTFHTD
MAVAKDGFSARYYLVHQEPLENFQCNVPLGMESGRIANEQISASSTYSDGRWTPQQSRLHGDDNGWTPNLDSNKEYLQVD
LRFLTMLTAIATQGAISRETQNGYYVKSYKLEVSTNGEDWMVYRHGKNHKVFQANNDATEVVLNKLHAPLLTRFVRIRPQ
TWHSGIALRLELFGCRVTDAPCSNMLGMLSGLIADSQISASSTQEYLWSPSAARLVSSRSGWFPRIPQAQPGEEWLQVDL
GTPKTVKGVIIQGARGGDSITAVEARAFVRKFKVSYSLNGKDWEYIQDPRTQQPKLFEGNMHYDTPDIRRFDPIPAQYVR
VYPERWSPAGIGMRLEVLGCDWT
;
A
2 'polypeptide(L)'
;QVQLKQSGPGLVQPSQSLSITCTVSGFSLTSYGVHWVRQSPGKGLEWLGLIWSGGSTDYSPAFISRLSISEDNSKSQVFF
KMNSLQADDTAIYFCARNSYSSGYYAMDYWGQGTSVTVSSAKTTPPSVYPLAPGSAAQTNSMVTLGCLVKGYFPEPVTVT
WNSGSLSSGVHTFPAVLQSDLYTLSSSVTVPSSTWPSETVTCNVAHPASSTKVDKKIVPRDCGGSHHHHHH
;
H
3 'polypeptide(L)'
;DIVMTQSQKFMSTTVGDRVSITCKASQNVGTAVAWYQQKPGQSPKLLIYSASNRYTGVPDRFTGSGSGTDFTLTISNMQS
EDLADYFCQQYSSYPPYTFGGGTKLEIKRADAAPTVSIFPPSSEQLTSGGASVVCFLNNFYPKDINVKWKIDGSERQNGV
LNSWTDQDSKDSTYSMSSTLTLTKDEYERHNSYTCEATHKTSTSPIVKSFNRNEC
;
L
#
loop_
_chem_comp.id
_chem_comp.type
_chem_comp.name
_chem_comp.formula
EDO non-polymer 1,2-ETHANEDIOL 'C2 H6 O2'
#
# COMPACT_ATOMS: atom_id res chain seq x y z
N CYS A 137 17.75 -26.81 -8.61
CA CYS A 137 16.73 -25.80 -8.32
C CYS A 137 16.69 -24.65 -9.33
N SER A 138 17.55 -24.71 -10.35
CA SER A 138 17.58 -23.70 -11.39
C SER A 138 16.49 -23.95 -12.44
N LYS A 139 15.82 -22.86 -12.87
CA LYS A 139 14.70 -22.95 -13.78
C LYS A 139 14.61 -21.72 -14.69
N ASN A 140 14.21 -21.95 -15.94
CA ASN A 140 13.92 -20.89 -16.89
C ASN A 140 12.40 -20.72 -17.03
N PHE A 141 11.96 -19.46 -17.19
CA PHE A 141 10.55 -19.14 -17.30
C PHE A 141 10.28 -18.44 -18.63
N THR A 142 9.28 -18.94 -19.37
CA THR A 142 8.93 -18.41 -20.68
C THR A 142 7.44 -18.12 -20.88
N SER A 143 6.58 -18.68 -20.01
CA SER A 143 5.14 -18.45 -20.12
C SER A 143 4.78 -16.98 -19.93
N PRO A 144 3.61 -16.51 -20.45
CA PRO A 144 3.20 -15.11 -20.31
C PRO A 144 3.19 -14.59 -18.87
N ASN A 145 2.82 -15.44 -17.92
CA ASN A 145 2.96 -15.12 -16.51
C ASN A 145 3.21 -16.38 -15.69
N GLY A 146 3.86 -16.19 -14.54
CA GLY A 146 4.16 -17.30 -13.65
C GLY A 146 4.69 -16.83 -12.29
N THR A 147 4.92 -17.80 -11.42
CA THR A 147 5.45 -17.55 -10.08
C THR A 147 6.90 -18.03 -10.00
N ILE A 148 7.68 -17.38 -9.15
CA ILE A 148 9.04 -17.77 -8.84
C ILE A 148 9.21 -17.72 -7.33
N GLU A 149 9.59 -18.85 -6.72
CA GLU A 149 9.78 -18.90 -5.28
C GLU A 149 10.97 -19.76 -4.87
N SER A 150 11.49 -19.49 -3.67
CA SER A 150 12.55 -20.30 -3.08
C SER A 150 12.07 -21.74 -3.00
N PRO A 151 12.95 -22.75 -3.21
CA PRO A 151 12.54 -24.15 -3.09
C PRO A 151 11.83 -24.41 -1.76
N GLY A 152 10.68 -25.08 -1.84
CA GLY A 152 9.91 -25.43 -0.65
C GLY A 152 9.15 -24.27 0.01
N PHE A 153 8.97 -23.15 -0.69
CA PHE A 153 8.22 -22.03 -0.16
C PHE A 153 6.78 -22.46 0.09
N PRO A 154 6.14 -22.14 1.24
CA PRO A 154 6.72 -21.27 2.27
C PRO A 154 7.47 -21.93 3.43
N GLU A 155 7.76 -23.23 3.33
CA GLU A 155 8.62 -23.91 4.29
C GLU A 155 10.02 -23.30 4.26
N LYS A 156 10.72 -23.38 5.41
CA LYS A 156 12.07 -22.87 5.54
C LYS A 156 12.95 -23.52 4.48
N TYR A 157 13.78 -22.71 3.82
CA TYR A 157 14.53 -23.15 2.65
C TYR A 157 15.75 -23.98 3.02
N PRO A 158 16.17 -24.95 2.18
CA PRO A 158 17.34 -25.79 2.50
C PRO A 158 18.64 -25.00 2.45
N HIS A 159 19.67 -25.54 3.10
CA HIS A 159 20.95 -24.86 3.26
C HIS A 159 21.83 -25.14 2.06
N ASN A 160 22.85 -24.29 1.87
CA ASN A 160 23.85 -24.45 0.81
C ASN A 160 23.23 -24.52 -0.58
N LEU A 161 22.28 -23.61 -0.84
CA LEU A 161 21.62 -23.51 -2.14
C LEU A 161 22.28 -22.44 -2.99
N ASP A 162 22.37 -22.72 -4.29
CA ASP A 162 22.65 -21.73 -5.31
C ASP A 162 21.69 -21.97 -6.48
N CYS A 163 20.59 -21.22 -6.50
CA CYS A 163 19.55 -21.39 -7.51
C CYS A 163 19.60 -20.23 -8.51
N THR A 164 19.33 -20.54 -9.79
CA THR A 164 19.31 -19.53 -10.84
C THR A 164 17.94 -19.54 -11.53
N PHE A 165 17.26 -18.37 -11.50
CA PHE A 165 15.92 -18.23 -12.03
C PHE A 165 15.92 -17.20 -13.14
N THR A 166 15.70 -17.65 -14.39
CA THR A 166 15.83 -16.79 -15.55
C THR A 166 14.51 -16.65 -16.30
N ILE A 167 14.05 -15.41 -16.44
CA ILE A 167 12.89 -15.08 -17.25
C ILE A 167 13.37 -14.67 -18.65
N LEU A 168 12.82 -15.32 -19.67
CA LEU A 168 13.13 -15.00 -21.06
C LEU A 168 11.87 -14.49 -21.77
N ALA A 169 11.99 -13.31 -22.40
CA ALA A 169 10.89 -12.69 -23.11
C ALA A 169 11.24 -12.44 -24.57
N LYS A 170 10.25 -12.59 -25.45
CA LYS A 170 10.43 -12.34 -26.86
C LYS A 170 10.64 -10.85 -27.13
N PRO A 171 11.14 -10.45 -28.31
CA PRO A 171 11.33 -9.02 -28.61
C PRO A 171 10.03 -8.21 -28.50
N LYS A 172 10.16 -6.96 -28.03
CA LYS A 172 9.04 -6.05 -27.85
C LYS A 172 8.08 -6.52 -26.74
N MET A 173 8.60 -7.36 -25.84
CA MET A 173 7.88 -7.75 -24.64
C MET A 173 8.60 -7.08 -23.46
N GLU A 174 7.83 -6.61 -22.46
CA GLU A 174 8.43 -6.22 -21.21
C GLU A 174 8.16 -7.29 -20.15
N ILE A 175 9.18 -7.51 -19.31
CA ILE A 175 9.09 -8.39 -18.16
C ILE A 175 8.82 -7.53 -16.93
N ILE A 176 7.70 -7.79 -16.25
CA ILE A 176 7.36 -7.13 -15.01
C ILE A 176 7.53 -8.14 -13.88
N LEU A 177 8.41 -7.84 -12.92
CA LEU A 177 8.68 -8.71 -11.78
C LEU A 177 8.23 -8.04 -10.49
N GLN A 178 7.37 -8.73 -9.74
CA GLN A 178 6.84 -8.28 -8.46
C GLN A 178 7.15 -9.29 -7.36
N PHE A 179 7.69 -8.82 -6.22
CA PHE A 179 7.91 -9.65 -5.06
C PHE A 179 6.75 -9.56 -4.07
N LEU A 180 6.28 -10.73 -3.63
CA LEU A 180 5.20 -10.81 -2.66
C LEU A 180 5.71 -11.02 -1.23
N ILE A 181 6.62 -11.98 -1.07
CA ILE A 181 7.22 -12.27 0.24
C ILE A 181 8.74 -12.28 0.05
N PHE A 182 9.46 -11.72 1.04
CA PHE A 182 10.91 -11.79 1.03
C PHE A 182 11.43 -11.81 2.47
N ASP A 183 12.05 -12.94 2.84
CA ASP A 183 12.60 -13.10 4.17
C ASP A 183 13.88 -13.94 4.14
N LEU A 184 15.03 -13.27 4.15
CA LEU A 184 16.31 -13.91 4.44
C LEU A 184 17.16 -12.99 5.31
N TYR A 198 27.16 -14.93 3.25
CA TYR A 198 25.96 -15.10 4.08
C TYR A 198 24.80 -15.54 3.18
N ASP A 199 23.63 -14.90 3.27
CA ASP A 199 22.51 -15.18 2.39
C ASP A 199 22.11 -13.95 1.58
N TRP A 200 21.75 -14.16 0.32
CA TRP A 200 21.34 -13.06 -0.54
C TRP A 200 20.53 -13.50 -1.76
N LEU A 201 19.82 -12.52 -2.35
CA LEU A 201 19.21 -12.69 -3.66
C LEU A 201 19.76 -11.57 -4.54
N ASP A 202 20.41 -11.97 -5.65
CA ASP A 202 20.90 -11.04 -6.64
C ASP A 202 19.90 -10.99 -7.79
N ILE A 203 19.67 -9.79 -8.33
CA ILE A 203 18.89 -9.63 -9.54
C ILE A 203 19.83 -9.09 -10.61
N TRP A 204 19.81 -9.75 -11.79
CA TRP A 204 20.72 -9.49 -12.88
C TRP A 204 19.99 -9.04 -14.13
N ASP A 205 20.50 -7.96 -14.74
CA ASP A 205 19.98 -7.47 -16.01
C ASP A 205 20.58 -8.31 -17.14
N GLY A 206 20.10 -9.56 -17.25
CA GLY A 206 20.65 -10.54 -18.16
C GLY A 206 21.09 -11.82 -17.45
N ILE A 207 22.16 -12.45 -17.97
CA ILE A 207 22.72 -13.66 -17.41
C ILE A 207 23.54 -13.36 -16.16
N PRO A 208 23.36 -14.11 -15.06
CA PRO A 208 24.16 -13.89 -13.83
C PRO A 208 25.67 -13.84 -14.07
N HIS A 209 26.32 -12.85 -13.44
CA HIS A 209 27.76 -12.67 -13.47
C HIS A 209 28.23 -12.25 -14.86
N VAL A 210 27.28 -11.93 -15.76
CA VAL A 210 27.60 -11.51 -17.12
C VAL A 210 26.90 -10.19 -17.38
N GLY A 211 25.56 -10.19 -17.29
CA GLY A 211 24.79 -8.96 -17.33
C GLY A 211 25.06 -8.11 -16.10
N PRO A 212 24.73 -6.79 -16.11
CA PRO A 212 24.89 -5.95 -14.93
C PRO A 212 24.08 -6.42 -13.73
N LEU A 213 24.65 -6.25 -12.53
CA LEU A 213 23.91 -6.44 -11.29
C LEU A 213 22.95 -5.28 -11.08
N ILE A 214 21.65 -5.60 -10.93
CA ILE A 214 20.64 -4.61 -10.61
C ILE A 214 20.70 -4.27 -9.12
N GLY A 215 20.63 -5.31 -8.29
CA GLY A 215 20.71 -5.13 -6.84
C GLY A 215 20.95 -6.44 -6.10
N LYS A 216 21.37 -6.31 -4.83
CA LYS A 216 21.59 -7.43 -3.94
C LYS A 216 20.74 -7.21 -2.69
N TYR A 217 19.97 -8.23 -2.30
CA TYR A 217 18.99 -8.11 -1.23
C TYR A 217 19.19 -9.18 -0.16
N CYS A 218 18.97 -8.81 1.12
CA CYS A 218 19.31 -9.67 2.24
C CYS A 218 18.16 -9.89 3.22
N GLY A 219 17.53 -8.80 3.71
CA GLY A 219 16.70 -8.85 4.91
C GLY A 219 15.23 -9.26 4.75
N THR A 220 14.32 -8.41 5.24
CA THR A 220 12.89 -8.71 5.24
C THR A 220 12.07 -7.73 4.39
N LYS A 221 12.76 -7.00 3.49
CA LYS A 221 12.10 -6.04 2.61
C LYS A 221 12.02 -6.60 1.18
N THR A 222 10.80 -6.71 0.66
CA THR A 222 10.62 -7.14 -0.73
C THR A 222 11.32 -6.18 -1.67
N PRO A 223 12.15 -6.67 -2.63
CA PRO A 223 12.66 -5.82 -3.71
C PRO A 223 11.53 -5.09 -4.44
N SER A 224 11.80 -3.84 -4.84
CA SER A 224 10.81 -3.05 -5.55
C SER A 224 10.58 -3.61 -6.95
N GLU A 225 9.40 -3.32 -7.51
CA GLU A 225 9.01 -3.81 -8.81
C GLU A 225 10.00 -3.44 -9.92
N LEU A 226 10.24 -4.40 -10.82
CA LEU A 226 11.17 -4.21 -11.93
C LEU A 226 10.45 -4.42 -13.25
N ARG A 227 10.69 -3.50 -14.18
CA ARG A 227 10.18 -3.62 -15.54
C ARG A 227 11.39 -3.59 -16.46
N SER A 228 11.66 -4.74 -17.11
CA SER A 228 12.79 -4.85 -18.03
C SER A 228 12.31 -5.06 -19.46
N SER A 229 12.96 -4.34 -20.39
CA SER A 229 12.81 -4.56 -21.82
C SER A 229 14.08 -5.13 -22.46
N THR A 230 14.92 -5.78 -21.64
CA THR A 230 16.17 -6.36 -22.09
C THR A 230 16.00 -7.70 -22.78
N GLY A 231 14.85 -8.36 -22.54
CA GLY A 231 14.57 -9.70 -23.05
C GLY A 231 14.94 -10.81 -22.06
N ILE A 232 15.60 -10.43 -20.97
CA ILE A 232 16.06 -11.38 -19.97
C ILE A 232 16.24 -10.69 -18.61
N LEU A 233 15.81 -11.37 -17.55
CA LEU A 233 15.96 -10.90 -16.18
C LEU A 233 16.15 -12.14 -15.31
N SER A 234 17.24 -12.17 -14.54
CA SER A 234 17.61 -13.35 -13.77
C SER A 234 17.73 -13.09 -12.27
N LEU A 235 17.44 -14.12 -11.48
CA LEU A 235 17.67 -14.11 -10.04
C LEU A 235 18.70 -15.19 -9.71
N THR A 236 19.63 -14.88 -8.79
CA THR A 236 20.39 -15.91 -8.13
C THR A 236 20.13 -15.81 -6.63
N PHE A 237 19.87 -16.97 -6.02
CA PHE A 237 19.51 -17.08 -4.61
C PHE A 237 20.58 -17.94 -3.94
N HIS A 238 21.21 -17.39 -2.89
CA HIS A 238 22.32 -18.04 -2.20
C HIS A 238 22.00 -18.15 -0.72
N THR A 239 22.16 -19.37 -0.17
CA THR A 239 22.05 -19.63 1.27
C THR A 239 23.23 -20.47 1.74
N ASP A 240 23.50 -20.41 3.05
CA ASP A 240 24.55 -21.22 3.65
C ASP A 240 23.96 -22.11 4.75
N MET A 241 24.81 -22.68 5.60
CA MET A 241 24.36 -23.58 6.67
C MET A 241 23.61 -22.86 7.78
N ALA A 242 23.94 -21.58 8.01
CA ALA A 242 23.35 -20.80 9.09
C ALA A 242 21.83 -20.81 9.06
N VAL A 243 21.22 -20.52 10.22
CA VAL A 243 19.78 -20.58 10.40
C VAL A 243 19.04 -19.93 9.23
N ALA A 244 18.00 -20.61 8.73
CA ALA A 244 17.26 -20.17 7.55
C ALA A 244 15.90 -19.60 7.93
N GLY A 247 11.78 -17.97 2.76
CA GLY A 247 12.59 -17.37 1.70
C GLY A 247 11.87 -16.25 0.95
N PHE A 248 11.46 -16.53 -0.29
CA PHE A 248 10.80 -15.53 -1.12
C PHE A 248 9.76 -16.12 -2.06
N SER A 249 8.81 -15.27 -2.44
CA SER A 249 7.79 -15.58 -3.44
C SER A 249 7.63 -14.36 -4.33
N ALA A 250 7.66 -14.58 -5.65
CA ALA A 250 7.53 -13.52 -6.62
C ALA A 250 6.63 -14.00 -7.76
N ARG A 251 6.19 -13.05 -8.59
CA ARG A 251 5.46 -13.34 -9.80
C ARG A 251 5.93 -12.42 -10.92
N TYR A 252 5.80 -12.88 -12.16
CA TYR A 252 6.18 -12.07 -13.32
C TYR A 252 5.10 -12.08 -14.39
N TYR A 253 5.09 -11.02 -15.21
CA TYR A 253 4.19 -10.91 -16.34
C TYR A 253 5.00 -10.50 -17.58
N LEU A 254 4.58 -11.03 -18.73
CA LEU A 254 5.13 -10.63 -20.02
C LEU A 254 4.03 -9.85 -20.75
N VAL A 255 4.30 -8.57 -21.04
CA VAL A 255 3.34 -7.70 -21.69
C VAL A 255 3.99 -7.01 -22.90
N HIS A 256 3.18 -6.65 -23.89
CA HIS A 256 3.64 -5.89 -25.06
C HIS A 256 4.03 -4.48 -24.63
N GLN A 257 4.98 -3.88 -25.34
CA GLN A 257 5.45 -2.53 -25.03
C GLN A 257 5.10 -1.57 -26.17
N ASN A 262 3.12 9.61 -33.23
CA ASN A 262 4.33 10.26 -32.73
C ASN A 262 4.76 9.66 -31.39
N PHE A 263 5.91 8.96 -31.39
CA PHE A 263 6.56 8.60 -30.14
C PHE A 263 7.69 9.58 -29.86
N GLN A 264 7.46 10.44 -28.87
CA GLN A 264 8.49 11.32 -28.34
C GLN A 264 9.13 10.65 -27.13
N CYS A 265 10.45 10.83 -26.99
CA CYS A 265 11.20 10.30 -25.87
C CYS A 265 11.15 11.30 -24.72
N ASN A 266 9.94 11.48 -24.16
CA ASN A 266 9.69 12.51 -23.16
C ASN A 266 8.79 12.01 -22.02
N VAL A 267 8.79 10.69 -21.79
CA VAL A 267 7.94 10.06 -20.79
C VAL A 267 8.53 10.29 -19.41
N PRO A 268 7.71 10.64 -18.38
CA PRO A 268 8.19 10.69 -17.01
C PRO A 268 8.69 9.31 -16.58
N LEU A 269 9.88 9.26 -15.98
CA LEU A 269 10.52 7.99 -15.65
C LEU A 269 10.05 7.42 -14.31
N GLY A 270 9.40 8.24 -13.48
CA GLY A 270 8.67 7.70 -12.33
C GLY A 270 8.96 8.27 -10.95
N MET A 271 9.47 9.50 -10.86
CA MET A 271 9.66 10.13 -9.57
C MET A 271 8.31 10.41 -8.93
N GLU A 272 7.39 11.00 -9.72
CA GLU A 272 6.10 11.39 -9.20
C GLU A 272 5.20 10.17 -8.99
N SER A 273 5.20 9.26 -9.98
CA SER A 273 4.34 8.08 -9.95
C SER A 273 4.77 7.05 -8.91
N GLY A 274 6.07 7.03 -8.59
CA GLY A 274 6.65 6.03 -7.71
C GLY A 274 7.21 4.80 -8.44
N ARG A 275 7.11 4.79 -9.78
CA ARG A 275 7.75 3.76 -10.58
C ARG A 275 9.27 3.74 -10.34
N ILE A 276 9.83 4.89 -9.95
CA ILE A 276 11.14 4.93 -9.33
C ILE A 276 10.93 4.76 -7.83
N ALA A 277 11.32 3.59 -7.30
CA ALA A 277 11.06 3.24 -5.92
C ALA A 277 11.99 3.99 -4.97
N ASN A 278 11.60 4.07 -3.69
CA ASN A 278 12.41 4.70 -2.66
C ASN A 278 13.85 4.19 -2.62
N GLU A 279 14.02 2.88 -2.83
CA GLU A 279 15.34 2.25 -2.78
C GLU A 279 16.24 2.63 -3.95
N GLN A 280 15.66 3.23 -5.01
CA GLN A 280 16.42 3.76 -6.12
C GLN A 280 16.93 5.19 -5.88
N ILE A 281 16.47 5.81 -4.79
CA ILE A 281 16.80 7.19 -4.50
C ILE A 281 17.70 7.27 -3.27
N SER A 282 18.75 8.10 -3.38
CA SER A 282 19.67 8.32 -2.28
C SER A 282 20.26 9.72 -2.40
N ALA A 283 21.09 10.11 -1.43
CA ALA A 283 21.69 11.43 -1.42
C ALA A 283 22.96 11.43 -0.58
N SER A 284 23.75 12.51 -0.69
CA SER A 284 24.97 12.67 0.08
C SER A 284 24.70 12.81 1.57
N SER A 285 23.55 13.41 1.90
CA SER A 285 23.13 13.62 3.28
C SER A 285 21.67 14.07 3.29
N THR A 286 21.09 14.20 4.49
CA THR A 286 19.73 14.71 4.62
C THR A 286 19.61 15.55 5.89
N TYR A 287 18.63 16.47 5.89
CA TYR A 287 18.44 17.42 6.98
C TYR A 287 18.16 16.70 8.29
N SER A 288 18.76 17.22 9.37
CA SER A 288 18.88 16.49 10.62
C SER A 288 17.57 16.20 11.38
N ASP A 289 16.48 16.87 11.02
CA ASP A 289 15.20 16.61 11.65
C ASP A 289 14.44 15.45 11.00
N GLY A 290 14.95 14.96 9.86
CA GLY A 290 14.42 13.78 9.21
C GLY A 290 13.16 14.02 8.36
N ARG A 291 12.78 15.29 8.18
CA ARG A 291 11.56 15.63 7.48
C ARG A 291 11.80 15.97 6.01
N TRP A 292 13.04 15.78 5.54
CA TRP A 292 13.43 16.15 4.18
C TRP A 292 14.27 15.06 3.53
N THR A 293 13.79 13.81 3.60
CA THR A 293 14.54 12.65 3.13
C THR A 293 14.67 12.66 1.61
N PRO A 294 15.68 11.95 1.03
CA PRO A 294 15.80 11.83 -0.42
C PRO A 294 14.54 11.31 -1.11
N GLN A 295 13.79 10.45 -0.41
CA GLN A 295 12.58 9.84 -0.95
C GLN A 295 11.44 10.83 -1.15
N GLN A 296 11.56 12.02 -0.53
CA GLN A 296 10.57 13.07 -0.70
C GLN A 296 10.85 14.00 -1.89
N SER A 297 11.89 13.69 -2.69
CA SER A 297 12.26 14.52 -3.82
C SER A 297 11.42 14.26 -5.06
N ARG A 298 10.12 14.04 -4.88
CA ARG A 298 9.25 13.67 -5.98
C ARG A 298 8.42 14.87 -6.43
N LEU A 299 8.37 15.08 -7.74
CA LEU A 299 7.65 16.22 -8.32
C LEU A 299 6.20 16.19 -7.84
N HIS A 300 5.70 17.36 -7.42
CA HIS A 300 4.34 17.53 -6.94
C HIS A 300 4.10 16.80 -5.61
N GLY A 301 5.18 16.38 -4.95
CA GLY A 301 5.07 15.74 -3.65
C GLY A 301 4.53 16.76 -2.64
N ASP A 302 3.63 16.31 -1.76
CA ASP A 302 2.94 17.23 -0.86
C ASP A 302 3.59 17.30 0.52
N ASP A 303 4.73 16.59 0.71
CA ASP A 303 5.44 16.61 1.98
C ASP A 303 6.89 17.04 1.81
N ASN A 304 7.12 18.36 1.95
CA ASN A 304 8.45 18.95 1.88
C ASN A 304 9.14 18.51 0.59
N GLY A 305 10.37 18.01 0.71
CA GLY A 305 11.20 17.63 -0.41
C GLY A 305 12.55 17.17 0.15
N TRP A 306 13.54 16.92 -0.72
CA TRP A 306 14.87 16.58 -0.24
C TRP A 306 15.65 17.84 0.12
N THR A 307 16.24 17.83 1.33
CA THR A 307 17.18 18.84 1.74
C THR A 307 18.39 18.14 2.37
N PRO A 308 19.63 18.51 1.99
CA PRO A 308 20.83 17.96 2.63
C PRO A 308 21.04 18.50 4.04
N ASN A 309 22.00 17.90 4.76
CA ASN A 309 22.32 18.34 6.11
C ASN A 309 23.04 19.68 6.10
N LEU A 310 23.80 19.95 5.03
CA LEU A 310 24.50 21.21 4.84
C LEU A 310 24.15 21.76 3.46
N ASP A 311 24.05 23.09 3.35
CA ASP A 311 23.87 23.75 2.07
C ASP A 311 25.21 24.09 1.43
N SER A 312 25.69 23.21 0.55
CA SER A 312 26.86 23.47 -0.26
C SER A 312 26.71 22.81 -1.63
N ASN A 313 27.61 23.18 -2.56
CA ASN A 313 27.55 22.67 -3.92
C ASN A 313 28.24 21.31 -4.05
N LYS A 314 28.56 20.69 -2.90
CA LYS A 314 29.08 19.34 -2.85
C LYS A 314 27.98 18.29 -2.63
N GLU A 315 26.79 18.74 -2.24
CA GLU A 315 25.68 17.84 -1.94
C GLU A 315 25.00 17.41 -3.24
N TYR A 316 24.34 16.25 -3.21
CA TYR A 316 23.65 15.75 -4.37
C TYR A 316 22.53 14.78 -4.03
N LEU A 317 21.56 14.72 -4.94
CA LEU A 317 20.49 13.73 -4.95
C LEU A 317 20.80 12.75 -6.08
N GLN A 318 20.76 11.44 -5.77
CA GLN A 318 21.15 10.41 -6.72
C GLN A 318 19.97 9.47 -7.00
N VAL A 319 19.78 9.15 -8.29
CA VAL A 319 18.75 8.22 -8.71
C VAL A 319 19.35 7.12 -9.59
N ASP A 320 19.16 5.85 -9.18
CA ASP A 320 19.51 4.69 -9.96
C ASP A 320 18.30 4.19 -10.74
N LEU A 321 18.33 4.35 -12.06
CA LEU A 321 17.26 3.91 -12.94
C LEU A 321 17.27 2.39 -13.16
N ARG A 322 18.35 1.72 -12.72
CA ARG A 322 18.48 0.27 -12.69
C ARG A 322 18.83 -0.32 -14.06
N PHE A 323 18.38 0.33 -15.14
CA PHE A 323 18.63 -0.10 -16.51
C PHE A 323 19.15 1.09 -17.30
N LEU A 324 19.94 0.81 -18.35
CA LEU A 324 20.33 1.84 -19.31
C LEU A 324 19.10 2.46 -19.95
N THR A 325 18.99 3.79 -19.84
CA THR A 325 17.79 4.53 -20.19
C THR A 325 18.19 5.78 -20.97
N MET A 326 17.32 6.21 -21.88
CA MET A 326 17.47 7.49 -22.56
C MET A 326 16.94 8.59 -21.64
N LEU A 327 17.79 9.56 -21.30
CA LEU A 327 17.40 10.73 -20.53
C LEU A 327 17.36 11.95 -21.44
N THR A 328 16.20 12.62 -21.50
CA THR A 328 16.00 13.76 -22.39
C THR A 328 15.63 15.08 -21.71
N ALA A 329 15.29 15.04 -20.41
CA ALA A 329 14.89 16.24 -19.70
C ALA A 329 14.84 16.04 -18.19
N ILE A 330 14.94 17.17 -17.47
CA ILE A 330 14.88 17.20 -16.01
C ILE A 330 13.95 18.34 -15.59
N ALA A 331 13.02 18.03 -14.70
CA ALA A 331 12.16 19.03 -14.07
C ALA A 331 12.47 19.13 -12.58
N THR A 332 12.47 20.36 -12.05
CA THR A 332 12.62 20.57 -10.63
C THR A 332 11.63 21.56 -10.04
N GLN A 333 11.37 21.39 -8.74
CA GLN A 333 10.68 22.35 -7.89
C GLN A 333 11.53 22.51 -6.62
N GLY A 334 11.32 23.61 -5.91
CA GLY A 334 11.67 23.70 -4.51
C GLY A 334 10.58 23.11 -3.63
N ALA A 335 10.44 23.67 -2.41
CA ALA A 335 9.43 23.18 -1.48
C ALA A 335 9.15 24.20 -0.37
N ILE A 336 7.90 24.19 0.11
CA ILE A 336 7.50 24.94 1.29
C ILE A 336 7.46 23.99 2.48
N SER A 337 8.22 24.31 3.54
CA SER A 337 8.19 23.56 4.78
C SER A 337 6.79 23.46 5.38
N ARG A 338 6.35 22.23 5.68
CA ARG A 338 5.10 22.03 6.41
C ARG A 338 5.20 22.42 7.88
N GLU A 339 6.42 22.61 8.38
CA GLU A 339 6.65 22.94 9.78
C GLU A 339 6.77 24.45 10.02
N THR A 340 7.42 25.16 9.08
CA THR A 340 7.65 26.59 9.21
C THR A 340 6.99 27.46 8.14
N GLN A 341 6.55 26.84 7.04
CA GLN A 341 6.00 27.53 5.87
C GLN A 341 7.04 28.38 5.13
N ASN A 342 8.31 28.27 5.51
CA ASN A 342 9.39 28.88 4.74
C ASN A 342 9.57 28.18 3.39
N GLY A 343 9.83 28.97 2.35
CA GLY A 343 10.07 28.45 1.01
C GLY A 343 11.56 28.28 0.71
N TYR A 344 11.90 27.17 0.04
CA TYR A 344 13.26 26.85 -0.34
C TYR A 344 13.28 26.37 -1.79
N TYR A 345 14.30 26.77 -2.56
CA TYR A 345 14.45 26.22 -3.90
C TYR A 345 15.88 26.30 -4.43
N VAL A 346 16.17 25.39 -5.37
CA VAL A 346 17.42 25.38 -6.11
C VAL A 346 17.28 26.34 -7.29
N LYS A 347 18.30 27.21 -7.45
CA LYS A 347 18.32 28.21 -8.51
C LYS A 347 19.12 27.74 -9.73
N SER A 348 20.06 26.82 -9.50
CA SER A 348 20.89 26.28 -10.57
C SER A 348 21.58 25.02 -10.08
N TYR A 349 21.86 24.11 -11.02
CA TYR A 349 22.47 22.82 -10.68
C TYR A 349 23.27 22.26 -11.85
N LYS A 350 24.19 21.33 -11.52
CA LYS A 350 24.87 20.52 -12.52
C LYS A 350 24.34 19.09 -12.51
N LEU A 351 24.52 18.41 -13.63
CA LEU A 351 24.13 17.04 -13.83
C LEU A 351 25.35 16.13 -13.98
N GLU A 352 25.41 15.07 -13.16
CA GLU A 352 26.42 14.02 -13.26
C GLU A 352 25.71 12.72 -13.61
N VAL A 353 26.31 11.94 -14.51
CA VAL A 353 25.74 10.68 -14.96
C VAL A 353 26.76 9.55 -14.97
N SER A 354 26.26 8.31 -14.96
CA SER A 354 27.09 7.12 -14.91
C SER A 354 26.33 5.86 -15.28
N THR A 355 27.03 4.90 -15.92
CA THR A 355 26.42 3.64 -16.27
C THR A 355 26.51 2.60 -15.15
N ASN A 356 27.40 2.84 -14.17
CA ASN A 356 27.71 1.85 -13.15
C ASN A 356 27.66 2.35 -11.70
N GLY A 357 27.62 3.68 -11.51
CA GLY A 357 27.58 4.26 -10.17
C GLY A 357 28.96 4.57 -9.57
N GLU A 358 30.02 4.16 -10.29
CA GLU A 358 31.40 4.42 -9.89
C GLU A 358 32.06 5.49 -10.76
N ASP A 359 31.89 5.33 -12.08
CA ASP A 359 32.50 6.22 -13.06
C ASP A 359 31.50 7.30 -13.48
N TRP A 360 31.87 8.57 -13.27
CA TRP A 360 30.96 9.69 -13.42
C TRP A 360 31.42 10.69 -14.48
N MET A 361 30.45 11.29 -15.17
CA MET A 361 30.72 12.40 -16.08
C MET A 361 29.79 13.56 -15.74
N VAL A 362 30.38 14.74 -15.50
CA VAL A 362 29.63 15.97 -15.38
C VAL A 362 29.17 16.35 -16.78
N TYR A 363 27.87 16.55 -16.96
CA TYR A 363 27.29 16.89 -18.25
C TYR A 363 27.80 18.23 -18.74
N ARG A 364 28.23 18.27 -20.02
CA ARG A 364 28.87 19.43 -20.59
C ARG A 364 27.99 20.12 -21.64
N HIS A 365 28.25 21.41 -21.86
CA HIS A 365 27.49 22.22 -22.80
C HIS A 365 27.87 21.85 -24.24
N HIS A 369 31.32 22.44 -18.03
CA HIS A 369 30.17 22.01 -17.19
C HIS A 369 28.93 22.81 -17.56
N LYS A 370 27.88 22.10 -17.98
CA LYS A 370 26.56 22.71 -18.20
C LYS A 370 25.93 23.05 -16.86
N VAL A 371 25.72 24.36 -16.62
CA VAL A 371 24.95 24.83 -15.49
C VAL A 371 23.51 25.07 -15.95
N PHE A 372 22.59 24.30 -15.35
CA PHE A 372 21.16 24.41 -15.62
C PHE A 372 20.51 25.45 -14.71
N GLN A 373 19.77 26.39 -15.32
CA GLN A 373 18.97 27.34 -14.56
C GLN A 373 17.71 26.60 -14.10
N ALA A 374 17.39 26.72 -12.81
CA ALA A 374 16.35 25.93 -12.19
C ALA A 374 15.18 26.82 -11.76
N ASN A 375 14.88 26.87 -10.46
CA ASN A 375 13.65 27.48 -10.00
C ASN A 375 13.81 28.94 -9.58
N ASN A 376 12.68 29.66 -9.56
CA ASN A 376 12.63 31.02 -9.02
C ASN A 376 11.53 31.20 -7.96
N ASP A 377 10.93 30.08 -7.54
CA ASP A 377 10.00 30.06 -6.42
C ASP A 377 9.94 28.61 -5.91
N ALA A 378 9.19 28.39 -4.83
CA ALA A 378 9.14 27.07 -4.22
C ALA A 378 8.08 26.13 -4.80
N THR A 379 7.23 26.64 -5.69
CA THR A 379 6.04 25.91 -6.11
C THR A 379 6.02 25.42 -7.57
N GLU A 380 6.54 26.23 -8.50
CA GLU A 380 6.40 25.92 -9.92
C GLU A 380 7.49 24.99 -10.46
N VAL A 381 7.06 24.03 -11.30
CA VAL A 381 7.97 23.16 -12.05
C VAL A 381 8.70 23.95 -13.14
N VAL A 382 10.03 23.79 -13.19
CA VAL A 382 10.84 24.29 -14.29
C VAL A 382 11.46 23.10 -15.03
N LEU A 383 11.22 23.05 -16.35
CA LEU A 383 11.75 22.00 -17.21
C LEU A 383 13.00 22.46 -17.95
N ASN A 384 14.06 21.64 -17.91
CA ASN A 384 15.22 21.81 -18.77
C ASN A 384 15.35 20.58 -19.68
N LYS A 385 15.24 20.79 -20.99
CA LYS A 385 15.40 19.73 -21.97
C LYS A 385 16.86 19.67 -22.41
N LEU A 386 17.40 18.44 -22.47
CA LEU A 386 18.80 18.23 -22.82
C LEU A 386 19.00 18.48 -24.31
N HIS A 387 20.24 18.83 -24.63
CA HIS A 387 20.62 19.31 -25.95
C HIS A 387 20.52 18.12 -26.90
N ALA A 388 20.90 16.93 -26.39
CA ALA A 388 20.62 15.66 -27.02
C ALA A 388 20.40 14.57 -25.96
N PRO A 389 19.66 13.49 -26.26
CA PRO A 389 19.48 12.38 -25.32
C PRO A 389 20.79 11.80 -24.77
N LEU A 390 20.82 11.59 -23.46
CA LEU A 390 21.88 10.85 -22.78
C LEU A 390 21.44 9.41 -22.54
N LEU A 391 22.37 8.46 -22.76
CA LEU A 391 22.19 7.09 -22.34
C LEU A 391 22.91 6.87 -21.01
N THR A 392 22.16 6.50 -19.97
CA THR A 392 22.72 6.35 -18.64
C THR A 392 21.83 5.50 -17.73
N ARG A 393 22.37 5.15 -16.57
CA ARG A 393 21.65 4.42 -15.54
C ARG A 393 21.49 5.26 -14.28
N PHE A 394 22.60 5.86 -13.82
CA PHE A 394 22.61 6.68 -12.62
C PHE A 394 22.64 8.17 -12.92
N VAL A 395 21.83 8.93 -12.18
CA VAL A 395 21.72 10.38 -12.33
C VAL A 395 21.98 11.05 -10.98
N ARG A 396 22.82 12.09 -11.00
CA ARG A 396 23.02 12.95 -9.83
C ARG A 396 22.65 14.39 -10.19
N ILE A 397 21.80 14.99 -9.35
CA ILE A 397 21.53 16.42 -9.39
C ILE A 397 22.38 17.10 -8.32
N ARG A 398 23.24 18.03 -8.76
CA ARG A 398 24.16 18.74 -7.90
C ARG A 398 23.84 20.22 -7.83
N PRO A 399 23.06 20.68 -6.83
CA PRO A 399 22.76 22.12 -6.67
C PRO A 399 24.03 22.98 -6.58
N GLN A 400 24.02 24.13 -7.27
CA GLN A 400 25.11 25.08 -7.23
C GLN A 400 24.71 26.37 -6.51
N THR A 401 23.48 26.85 -6.75
CA THR A 401 22.93 28.01 -6.07
C THR A 401 21.47 27.75 -5.68
N TRP A 402 20.98 28.49 -4.69
CA TRP A 402 19.69 28.23 -4.06
C TRP A 402 19.18 29.48 -3.34
N HIS A 403 17.86 29.54 -3.11
CA HIS A 403 17.24 30.60 -2.33
C HIS A 403 16.88 30.05 -0.95
N SER A 404 17.44 30.69 0.09
CA SER A 404 17.24 30.33 1.49
C SER A 404 17.92 29.02 1.89
N GLY A 405 17.86 28.02 1.00
CA GLY A 405 18.51 26.74 1.22
C GLY A 405 18.16 25.75 0.12
N ILE A 406 18.85 24.61 0.11
CA ILE A 406 18.59 23.56 -0.86
C ILE A 406 17.34 22.77 -0.48
N ALA A 407 16.34 22.79 -1.38
CA ALA A 407 15.23 21.86 -1.32
C ALA A 407 14.89 21.48 -2.75
N LEU A 408 14.66 20.18 -2.99
CA LEU A 408 14.42 19.68 -4.33
C LEU A 408 13.29 18.65 -4.40
N ARG A 409 12.37 18.87 -5.35
CA ARG A 409 11.52 17.81 -5.87
C ARG A 409 11.83 17.70 -7.36
N LEU A 410 11.73 16.48 -7.90
CA LEU A 410 12.34 16.17 -9.19
C LEU A 410 11.48 15.25 -10.04
N GLU A 411 11.58 15.42 -11.36
CA GLU A 411 11.17 14.38 -12.30
C GLU A 411 12.24 14.25 -13.38
N LEU A 412 12.40 13.03 -13.88
CA LEU A 412 13.28 12.72 -14.99
C LEU A 412 12.41 12.26 -16.15
N PHE A 413 12.81 12.62 -17.37
CA PHE A 413 12.06 12.28 -18.57
C PHE A 413 12.94 11.56 -19.60
N GLY A 414 12.34 10.61 -20.31
CA GLY A 414 13.01 9.91 -21.40
C GLY A 414 12.22 8.72 -21.91
N CYS A 415 12.96 7.67 -22.28
CA CYS A 415 12.37 6.47 -22.84
C CYS A 415 13.41 5.35 -22.80
N ARG A 416 13.01 4.16 -23.23
CA ARG A 416 13.97 3.08 -23.31
C ARG A 416 14.55 3.06 -24.73
N VAL A 417 15.79 2.59 -24.83
CA VAL A 417 16.43 2.29 -26.10
C VAL A 417 15.48 1.55 -27.06
N THR A 418 14.76 0.55 -26.54
CA THR A 418 13.92 -0.30 -27.35
C THR A 418 12.65 0.36 -27.88
N ASP A 419 12.38 1.60 -27.46
CA ASP A 419 11.22 2.34 -27.95
C ASP A 419 11.38 2.87 -29.37
N ALA A 420 12.63 3.02 -29.83
CA ALA A 420 12.91 3.30 -31.22
C ALA A 420 12.65 2.06 -32.07
N PRO A 421 12.26 2.20 -33.36
CA PRO A 421 12.02 1.03 -34.20
C PRO A 421 13.30 0.22 -34.46
N CYS A 422 13.18 -1.12 -34.35
CA CYS A 422 14.29 -2.03 -34.58
C CYS A 422 15.55 -1.59 -33.85
N SER A 423 15.45 -1.52 -32.52
CA SER A 423 16.51 -0.98 -31.69
C SER A 423 16.66 -1.77 -30.39
N ASN A 424 16.63 -3.10 -30.51
CA ASN A 424 16.88 -3.99 -29.39
C ASN A 424 18.37 -4.24 -29.20
N MET A 425 18.83 -4.24 -27.95
CA MET A 425 20.20 -4.61 -27.63
C MET A 425 20.34 -6.11 -27.85
N LEU A 426 21.25 -6.52 -28.73
CA LEU A 426 21.22 -7.88 -29.24
C LEU A 426 21.96 -8.91 -28.40
N GLY A 427 22.58 -8.48 -27.29
CA GLY A 427 23.05 -9.41 -26.27
C GLY A 427 24.48 -9.29 -25.73
N MET A 428 25.23 -8.26 -26.13
CA MET A 428 26.54 -8.01 -25.55
C MET A 428 26.42 -7.62 -24.06
N LEU A 429 25.54 -6.67 -23.76
CA LEU A 429 25.39 -6.20 -22.39
C LEU A 429 24.79 -7.30 -21.52
N SER A 430 23.75 -7.98 -22.02
CA SER A 430 23.00 -8.93 -21.21
C SER A 430 23.70 -10.28 -21.05
N GLY A 431 24.35 -10.75 -22.13
CA GLY A 431 25.02 -12.04 -22.11
C GLY A 431 24.40 -13.09 -23.04
N LEU A 432 23.27 -12.75 -23.66
CA LEU A 432 22.65 -13.63 -24.66
C LEU A 432 23.57 -13.87 -25.86
N ILE A 433 24.47 -12.90 -26.12
CA ILE A 433 25.61 -13.14 -26.99
C ILE A 433 26.76 -13.63 -26.11
N ALA A 434 27.06 -14.93 -26.22
CA ALA A 434 28.03 -15.59 -25.36
C ALA A 434 29.48 -15.24 -25.71
N ASP A 435 30.40 -15.52 -24.78
CA ASP A 435 31.81 -15.22 -24.94
C ASP A 435 32.45 -15.84 -26.20
N SER A 436 31.94 -17.01 -26.62
CA SER A 436 32.47 -17.67 -27.81
C SER A 436 32.06 -16.95 -29.11
N GLN A 437 31.00 -16.13 -29.03
CA GLN A 437 30.55 -15.35 -30.17
C GLN A 437 31.28 -14.01 -30.32
N ILE A 438 32.19 -13.72 -29.38
CA ILE A 438 32.90 -12.45 -29.34
C ILE A 438 34.38 -12.69 -29.66
N SER A 439 34.93 -11.88 -30.59
CA SER A 439 36.31 -12.03 -31.01
C SER A 439 36.91 -10.69 -31.46
N ALA A 440 38.24 -10.68 -31.63
CA ALA A 440 38.95 -9.45 -31.98
C ALA A 440 40.22 -9.73 -32.76
N SER A 441 40.70 -8.71 -33.49
CA SER A 441 41.94 -8.79 -34.25
C SER A 441 43.15 -9.09 -33.39
N SER A 442 43.18 -8.51 -32.18
CA SER A 442 44.31 -8.66 -31.28
C SER A 442 43.93 -8.22 -29.86
N THR A 443 44.75 -8.65 -28.88
CA THR A 443 44.44 -8.43 -27.48
C THR A 443 45.73 -8.21 -26.67
N GLN A 444 45.63 -8.31 -25.35
CA GLN A 444 46.74 -8.05 -24.44
C GLN A 444 47.33 -9.35 -23.87
N GLU A 445 47.50 -10.35 -24.75
CA GLU A 445 48.04 -11.65 -24.36
C GLU A 445 49.53 -11.68 -24.71
N TRP A 448 42.85 -13.52 -22.84
CA TRP A 448 41.82 -12.49 -23.00
C TRP A 448 40.47 -12.99 -22.49
N SER A 449 39.68 -12.05 -21.94
CA SER A 449 38.31 -12.33 -21.52
C SER A 449 37.32 -11.68 -22.49
N PRO A 450 36.61 -12.46 -23.34
CA PRO A 450 35.66 -11.89 -24.29
C PRO A 450 34.59 -10.98 -23.67
N SER A 451 34.24 -11.24 -22.40
CA SER A 451 33.30 -10.41 -21.68
C SER A 451 33.79 -8.99 -21.40
N ALA A 452 35.12 -8.78 -21.47
CA ALA A 452 35.69 -7.47 -21.25
C ALA A 452 35.24 -6.45 -22.28
N ALA A 453 34.78 -6.92 -23.46
CA ALA A 453 34.29 -6.04 -24.51
C ALA A 453 32.82 -5.64 -24.40
N ARG A 454 32.11 -6.17 -23.39
CA ARG A 454 30.67 -5.94 -23.27
C ARG A 454 30.35 -4.53 -22.76
N LEU A 455 29.46 -3.84 -23.49
CA LEU A 455 28.91 -2.57 -23.05
C LEU A 455 28.43 -2.62 -21.60
N VAL A 456 28.92 -1.67 -20.79
CA VAL A 456 28.46 -1.43 -19.42
C VAL A 456 28.81 -2.55 -18.43
N SER A 457 28.48 -3.80 -18.79
CA SER A 457 28.79 -4.96 -17.97
C SER A 457 30.28 -5.08 -17.62
N SER A 458 31.15 -4.85 -18.61
CA SER A 458 32.58 -5.00 -18.41
C SER A 458 33.15 -3.98 -17.44
N ARG A 459 34.09 -4.43 -16.61
CA ARG A 459 34.82 -3.59 -15.67
C ARG A 459 36.14 -3.07 -16.25
N SER A 460 36.37 -3.30 -17.55
CA SER A 460 37.56 -2.78 -18.22
C SER A 460 37.25 -2.36 -19.65
N GLY A 461 37.35 -3.28 -20.61
CA GLY A 461 37.17 -2.97 -22.02
C GLY A 461 38.15 -3.71 -22.93
N TRP A 462 37.83 -3.73 -24.23
CA TRP A 462 38.71 -4.29 -25.24
C TRP A 462 39.88 -3.35 -25.54
N PHE A 463 41.10 -3.82 -25.30
CA PHE A 463 42.31 -3.15 -25.76
C PHE A 463 42.98 -4.05 -26.80
N PRO A 464 43.27 -3.55 -28.02
CA PRO A 464 43.94 -4.35 -29.05
C PRO A 464 45.07 -5.22 -28.51
N PRO A 471 45.84 2.28 -36.72
CA PRO A 471 44.61 2.79 -37.35
C PRO A 471 44.04 1.82 -38.38
N GLY A 472 42.71 1.92 -38.57
CA GLY A 472 41.96 1.05 -39.49
C GLY A 472 42.57 -0.31 -39.81
N GLU A 473 42.96 -1.05 -38.76
CA GLU A 473 43.49 -2.40 -38.89
C GLU A 473 42.97 -3.35 -37.81
N GLU A 474 42.79 -2.82 -36.59
CA GLU A 474 42.23 -3.57 -35.47
C GLU A 474 40.71 -3.57 -35.56
N TRP A 475 40.08 -4.63 -35.01
CA TRP A 475 38.64 -4.76 -35.04
C TRP A 475 38.11 -5.59 -33.86
N LEU A 476 36.88 -5.27 -33.45
CA LEU A 476 36.11 -6.08 -32.53
C LEU A 476 34.94 -6.67 -33.30
N GLN A 477 34.65 -7.96 -33.08
CA GLN A 477 33.69 -8.68 -33.88
C GLN A 477 32.61 -9.36 -33.03
N VAL A 478 31.35 -9.22 -33.46
CA VAL A 478 30.21 -9.77 -32.75
C VAL A 478 29.43 -10.71 -33.67
N ASP A 479 29.29 -11.97 -33.25
CA ASP A 479 28.46 -12.94 -33.96
C ASP A 479 27.10 -12.99 -33.28
N LEU A 480 26.08 -12.50 -34.00
CA LEU A 480 24.72 -12.42 -33.47
C LEU A 480 24.01 -13.77 -33.35
N GLY A 481 24.54 -14.79 -34.04
CA GLY A 481 24.04 -16.15 -33.93
C GLY A 481 23.16 -16.60 -35.09
N THR A 482 22.39 -15.66 -35.66
CA THR A 482 21.52 -15.92 -36.80
C THR A 482 21.39 -14.59 -37.54
N PRO A 483 21.06 -14.58 -38.86
CA PRO A 483 20.85 -13.31 -39.57
C PRO A 483 19.76 -12.43 -38.95
N LYS A 484 20.13 -11.16 -38.70
CA LYS A 484 19.20 -10.19 -38.13
C LYS A 484 19.33 -8.88 -38.91
N THR A 485 18.35 -7.99 -38.72
CA THR A 485 18.46 -6.63 -39.20
C THR A 485 19.27 -5.87 -38.16
N VAL A 486 20.39 -5.27 -38.61
CA VAL A 486 21.23 -4.44 -37.78
C VAL A 486 21.01 -2.99 -38.19
N LYS A 487 20.72 -2.13 -37.20
CA LYS A 487 20.38 -0.73 -37.44
C LYS A 487 21.28 0.24 -36.68
N GLY A 488 22.19 -0.27 -35.84
CA GLY A 488 23.17 0.56 -35.17
C GLY A 488 24.10 -0.18 -34.21
N VAL A 489 24.95 0.59 -33.53
CA VAL A 489 25.74 0.08 -32.41
C VAL A 489 25.68 1.06 -31.24
N ILE A 490 26.03 0.56 -30.05
CA ILE A 490 26.29 1.41 -28.89
C ILE A 490 27.76 1.23 -28.56
N ILE A 491 28.52 2.34 -28.64
CA ILE A 491 29.94 2.31 -28.37
C ILE A 491 30.19 2.96 -27.01
N GLN A 492 31.18 2.43 -26.29
CA GLN A 492 31.56 2.94 -24.98
C GLN A 492 33.08 2.93 -24.90
N GLY A 493 33.65 3.83 -24.09
CA GLY A 493 35.07 3.81 -23.79
C GLY A 493 35.47 2.63 -22.90
N ALA A 494 36.70 2.68 -22.37
CA ALA A 494 37.22 1.64 -21.51
C ALA A 494 37.58 2.18 -20.13
N ARG A 495 37.39 1.34 -19.11
CA ARG A 495 37.51 1.70 -17.71
C ARG A 495 38.88 1.30 -17.13
N ARG A 506 42.47 5.39 -18.60
CA ARG A 506 41.16 5.72 -19.18
C ARG A 506 41.33 6.07 -20.66
N ALA A 507 40.54 5.41 -21.51
CA ALA A 507 40.66 5.55 -22.95
C ALA A 507 39.30 5.47 -23.64
N PHE A 508 39.26 5.87 -24.91
CA PHE A 508 38.06 5.76 -25.72
C PHE A 508 38.33 6.04 -27.20
N VAL A 509 37.42 5.53 -28.05
CA VAL A 509 37.48 5.72 -29.49
C VAL A 509 36.71 6.99 -29.85
N ARG A 510 37.33 7.84 -30.68
CA ARG A 510 36.72 9.07 -31.16
C ARG A 510 36.13 8.94 -32.56
N LYS A 511 36.66 8.03 -33.37
CA LYS A 511 36.16 7.81 -34.72
C LYS A 511 36.30 6.34 -35.09
N PHE A 512 35.30 5.79 -35.80
CA PHE A 512 35.31 4.39 -36.19
C PHE A 512 34.51 4.07 -37.46
N LYS A 513 34.77 2.88 -38.01
CA LYS A 513 34.01 2.31 -39.12
C LYS A 513 33.35 1.00 -38.70
N VAL A 514 32.41 0.53 -39.52
CA VAL A 514 31.66 -0.69 -39.25
C VAL A 514 31.60 -1.53 -40.52
N SER A 515 31.81 -2.85 -40.39
CA SER A 515 31.59 -3.79 -41.47
C SER A 515 30.69 -4.93 -41.01
N TYR A 516 30.09 -5.67 -41.96
CA TYR A 516 29.17 -6.74 -41.61
C TYR A 516 29.23 -7.91 -42.59
N SER A 517 28.88 -9.11 -42.09
CA SER A 517 28.82 -10.31 -42.90
C SER A 517 27.58 -11.15 -42.59
N LEU A 518 27.19 -11.99 -43.57
CA LEU A 518 26.12 -12.96 -43.39
C LEU A 518 26.62 -14.39 -43.27
N ASN A 519 27.92 -14.59 -43.54
CA ASN A 519 28.55 -15.90 -43.46
C ASN A 519 29.85 -15.94 -42.66
N GLY A 520 30.35 -14.74 -42.27
CA GLY A 520 31.57 -14.64 -41.47
C GLY A 520 32.87 -14.67 -42.27
N LYS A 521 32.75 -14.71 -43.60
CA LYS A 521 33.90 -14.80 -44.50
C LYS A 521 34.12 -13.50 -45.27
N ASP A 522 33.06 -13.03 -45.94
CA ASP A 522 33.12 -11.82 -46.74
C ASP A 522 32.44 -10.67 -46.02
N TRP A 523 32.96 -9.46 -46.24
CA TRP A 523 32.53 -8.29 -45.50
C TRP A 523 32.16 -7.12 -46.41
N GLU A 524 31.28 -6.25 -45.90
CA GLU A 524 30.95 -5.00 -46.57
C GLU A 524 30.88 -3.89 -45.53
N TYR A 525 31.43 -2.73 -45.87
CA TYR A 525 31.40 -1.56 -44.99
C TYR A 525 30.02 -0.90 -45.04
N ILE A 526 29.61 -0.33 -43.90
CA ILE A 526 28.47 0.57 -43.88
C ILE A 526 28.87 1.79 -44.71
N GLN A 527 28.14 2.00 -45.81
CA GLN A 527 28.34 3.15 -46.68
C GLN A 527 27.74 4.40 -46.05
N ASP A 528 28.26 5.56 -46.48
CA ASP A 528 27.65 6.85 -46.16
C ASP A 528 26.97 7.36 -47.43
N PRO A 529 25.62 7.37 -47.48
CA PRO A 529 24.89 7.84 -48.67
C PRO A 529 25.36 9.19 -49.21
N ARG A 530 25.76 10.09 -48.30
CA ARG A 530 26.24 11.41 -48.69
C ARG A 530 27.52 11.31 -49.52
N THR A 531 28.57 10.71 -48.95
CA THR A 531 29.88 10.66 -49.58
C THR A 531 30.13 9.41 -50.41
N GLN A 532 29.17 8.47 -50.41
CA GLN A 532 29.26 7.22 -51.17
C GLN A 532 30.55 6.44 -50.88
N GLN A 533 31.00 6.48 -49.62
CA GLN A 533 32.19 5.77 -49.17
C GLN A 533 31.88 5.12 -47.82
N PRO A 534 32.73 4.19 -47.32
CA PRO A 534 32.59 3.67 -45.96
C PRO A 534 32.47 4.78 -44.93
N LYS A 535 31.45 4.70 -44.07
CA LYS A 535 31.09 5.79 -43.17
C LYS A 535 32.04 5.89 -41.98
N LEU A 536 32.37 7.13 -41.61
CA LEU A 536 33.29 7.43 -40.53
C LEU A 536 32.49 7.95 -39.34
N PHE A 537 32.20 7.06 -38.39
CA PHE A 537 31.31 7.36 -37.28
C PHE A 537 32.01 8.11 -36.16
N GLU A 538 31.26 9.00 -35.50
CA GLU A 538 31.71 9.65 -34.29
C GLU A 538 31.65 8.66 -33.15
N GLY A 539 32.73 8.60 -32.35
CA GLY A 539 32.81 7.75 -31.17
C GLY A 539 32.37 8.49 -29.92
N ASN A 540 33.08 8.25 -28.80
CA ASN A 540 32.75 8.83 -27.51
C ASN A 540 33.59 10.07 -27.20
N MET A 541 33.17 10.81 -26.16
CA MET A 541 33.96 11.90 -25.62
C MET A 541 34.30 11.69 -24.15
N HIS A 542 33.93 10.51 -23.62
CA HIS A 542 34.14 10.14 -22.24
C HIS A 542 34.37 8.63 -22.21
N TYR A 543 35.03 8.14 -21.15
CA TYR A 543 35.34 6.72 -21.05
C TYR A 543 34.17 5.84 -20.60
N ASP A 544 33.17 6.44 -19.93
CA ASP A 544 32.04 5.67 -19.42
C ASP A 544 30.73 5.91 -20.16
N THR A 545 30.39 7.19 -20.41
CA THR A 545 29.12 7.54 -21.01
C THR A 545 29.06 7.01 -22.45
N PRO A 546 28.15 6.06 -22.76
CA PRO A 546 28.06 5.49 -24.10
C PRO A 546 27.39 6.44 -25.09
N ASP A 547 27.50 6.11 -26.38
CA ASP A 547 26.83 6.85 -27.44
C ASP A 547 26.20 5.88 -28.44
N ILE A 548 24.96 6.17 -28.84
CA ILE A 548 24.28 5.39 -29.86
C ILE A 548 24.60 5.99 -31.23
N ARG A 549 24.96 5.11 -32.18
CA ARG A 549 25.19 5.52 -33.55
C ARG A 549 24.39 4.59 -34.46
N ARG A 550 23.37 5.16 -35.13
CA ARG A 550 22.50 4.40 -36.00
C ARG A 550 22.90 4.56 -37.45
N PHE A 551 22.37 3.69 -38.30
CA PHE A 551 22.64 3.71 -39.73
C PHE A 551 21.53 2.94 -40.45
N ASP A 552 21.45 3.12 -41.77
CA ASP A 552 20.44 2.45 -42.56
C ASP A 552 20.52 0.94 -42.32
N PRO A 553 19.36 0.26 -42.08
CA PRO A 553 19.37 -1.15 -41.70
C PRO A 553 19.87 -2.06 -42.80
N ILE A 554 20.62 -3.09 -42.43
CA ILE A 554 21.12 -4.09 -43.36
C ILE A 554 21.00 -5.47 -42.74
N PRO A 555 20.96 -6.55 -43.56
CA PRO A 555 20.97 -7.92 -43.04
C PRO A 555 22.39 -8.37 -42.68
N ALA A 556 22.54 -8.95 -41.48
CA ALA A 556 23.85 -9.34 -40.98
C ALA A 556 23.75 -10.30 -39.79
N GLN A 557 24.60 -11.33 -39.80
CA GLN A 557 24.84 -12.14 -38.64
C GLN A 557 26.09 -11.70 -37.89
N TYR A 558 27.10 -11.19 -38.62
CA TYR A 558 28.32 -10.70 -37.99
C TYR A 558 28.54 -9.20 -38.22
N VAL A 559 29.05 -8.51 -37.18
CA VAL A 559 29.39 -7.09 -37.23
C VAL A 559 30.79 -6.85 -36.68
N ARG A 560 31.57 -5.99 -37.36
CA ARG A 560 32.88 -5.55 -36.88
C ARG A 560 32.96 -4.03 -36.73
N VAL A 561 33.56 -3.58 -35.61
CA VAL A 561 33.87 -2.17 -35.40
C VAL A 561 35.38 -1.96 -35.54
N TYR A 562 35.76 -1.02 -36.43
CA TYR A 562 37.15 -0.67 -36.69
C TYR A 562 37.51 0.70 -36.11
N PRO A 563 38.23 0.78 -34.97
CA PRO A 563 38.66 2.07 -34.44
C PRO A 563 39.60 2.80 -35.39
N GLU A 564 39.38 4.11 -35.57
CA GLU A 564 40.20 4.92 -36.47
C GLU A 564 40.99 5.98 -35.72
N ARG A 565 40.30 6.76 -34.88
CA ARG A 565 40.93 7.77 -34.05
C ARG A 565 40.47 7.59 -32.59
N TRP A 566 41.35 7.95 -31.65
CA TRP A 566 41.13 7.64 -30.24
C TRP A 566 41.82 8.62 -29.29
N SER A 567 41.49 8.50 -28.00
CA SER A 567 42.07 9.31 -26.95
C SER A 567 43.58 9.10 -26.85
N PRO A 568 44.35 10.02 -26.23
CA PRO A 568 45.81 9.89 -26.17
C PRO A 568 46.30 8.60 -25.49
N ALA A 569 45.49 8.07 -24.56
CA ALA A 569 45.81 6.84 -23.86
C ALA A 569 45.78 5.60 -24.77
N GLY A 570 45.04 5.68 -25.88
CA GLY A 570 44.99 4.62 -26.87
C GLY A 570 43.59 4.05 -27.06
N ILE A 571 43.51 2.93 -27.80
CA ILE A 571 42.24 2.26 -28.06
C ILE A 571 41.74 1.55 -26.81
N GLY A 572 40.53 1.90 -26.39
CA GLY A 572 39.79 1.19 -25.35
C GLY A 572 38.31 1.30 -25.64
N MET A 573 37.58 0.16 -25.54
CA MET A 573 36.21 0.13 -26.00
C MET A 573 35.37 -1.02 -25.43
N ARG A 574 34.07 -0.72 -25.26
CA ARG A 574 33.04 -1.72 -24.97
C ARG A 574 31.91 -1.49 -25.97
N LEU A 575 31.15 -2.54 -26.29
CA LEU A 575 30.24 -2.48 -27.41
C LEU A 575 28.93 -3.26 -27.20
N GLU A 576 27.87 -2.76 -27.86
CA GLU A 576 26.63 -3.49 -28.05
C GLU A 576 26.15 -3.26 -29.48
N VAL A 577 25.34 -4.20 -29.99
CA VAL A 577 24.77 -4.09 -31.32
C VAL A 577 23.26 -3.90 -31.20
N LEU A 578 22.70 -3.07 -32.08
CA LEU A 578 21.28 -2.74 -32.09
C LEU A 578 20.64 -3.28 -33.35
N GLY A 579 19.43 -3.84 -33.21
CA GLY A 579 18.68 -4.37 -34.33
C GLY A 579 17.42 -5.13 -33.93
N CYS A 580 16.96 -6.00 -34.83
CA CYS A 580 15.76 -6.79 -34.62
C CYS A 580 15.78 -8.00 -35.53
N ASP A 581 14.79 -8.89 -35.40
CA ASP A 581 14.67 -10.02 -36.29
C ASP A 581 14.40 -9.53 -37.71
N TRP A 582 15.00 -10.23 -38.70
CA TRP A 582 14.93 -9.82 -40.09
C TRP A 582 13.50 -9.91 -40.61
N THR A 583 13.11 -8.98 -41.48
CA THR A 583 11.80 -8.96 -42.11
C THR A 583 11.89 -8.56 -43.57
N GLN B 1 1.38 12.34 12.42
CA GLN B 1 0.64 11.17 12.88
C GLN B 1 -0.01 10.50 11.66
N VAL B 2 0.02 9.17 11.66
CA VAL B 2 -0.49 8.38 10.54
C VAL B 2 -2.01 8.32 10.64
N GLN B 3 -2.70 8.76 9.58
CA GLN B 3 -4.14 8.68 9.53
C GLN B 3 -4.58 8.33 8.12
N LEU B 4 -5.68 7.57 8.04
CA LEU B 4 -6.37 7.28 6.80
C LEU B 4 -7.81 7.71 7.03
N LYS B 5 -8.22 8.73 6.26
CA LYS B 5 -9.53 9.35 6.43
C LYS B 5 -10.38 8.98 5.23
N GLN B 6 -11.50 8.29 5.48
CA GLN B 6 -12.36 7.82 4.41
C GLN B 6 -13.51 8.79 4.16
N SER B 7 -13.89 8.90 2.89
CA SER B 7 -15.05 9.69 2.49
C SER B 7 -15.83 8.91 1.45
N GLY B 8 -17.14 8.72 1.68
CA GLY B 8 -17.95 7.99 0.72
C GLY B 8 -19.40 7.91 1.15
N PRO B 9 -20.29 7.32 0.31
CA PRO B 9 -21.73 7.30 0.60
C PRO B 9 -22.18 6.18 1.53
N GLY B 10 -23.29 6.44 2.24
CA GLY B 10 -23.89 5.48 3.14
C GLY B 10 -24.92 4.57 2.47
N LEU B 11 -25.45 5.03 1.33
CA LEU B 11 -26.53 4.32 0.66
C LEU B 11 -26.21 4.24 -0.83
N VAL B 12 -26.27 3.03 -1.38
CA VAL B 12 -26.04 2.79 -2.79
C VAL B 12 -27.23 1.99 -3.32
N GLN B 13 -27.80 2.43 -4.44
CA GLN B 13 -28.93 1.74 -5.02
C GLN B 13 -28.41 0.48 -5.71
N PRO B 14 -29.19 -0.62 -5.75
CA PRO B 14 -28.77 -1.84 -6.46
C PRO B 14 -28.36 -1.59 -7.91
N SER B 15 -27.23 -2.19 -8.28
CA SER B 15 -26.65 -2.14 -9.62
C SER B 15 -25.88 -0.86 -9.91
N GLN B 16 -25.82 0.06 -8.92
CA GLN B 16 -25.04 1.27 -9.05
C GLN B 16 -23.65 1.04 -8.44
N SER B 17 -22.76 2.01 -8.64
CA SER B 17 -21.37 1.86 -8.20
C SER B 17 -21.11 2.50 -6.84
N LEU B 18 -20.02 2.07 -6.19
CA LEU B 18 -19.59 2.65 -4.92
C LEU B 18 -18.20 3.24 -5.09
N SER B 19 -18.07 4.55 -4.80
CA SER B 19 -16.79 5.23 -4.76
C SER B 19 -16.46 5.68 -3.34
N ILE B 20 -15.23 5.39 -2.91
CA ILE B 20 -14.73 5.83 -1.62
C ILE B 20 -13.34 6.40 -1.85
N THR B 21 -13.05 7.54 -1.21
CA THR B 21 -11.72 8.10 -1.19
C THR B 21 -11.09 7.90 0.18
N CYS B 22 -9.82 7.47 0.15
CA CYS B 22 -9.01 7.31 1.33
C CYS B 22 -7.93 8.38 1.25
N THR B 23 -8.01 9.38 2.15
CA THR B 23 -7.05 10.47 2.18
C THR B 23 -6.09 10.16 3.33
N VAL B 24 -4.81 10.04 2.99
CA VAL B 24 -3.82 9.60 3.96
C VAL B 24 -3.00 10.81 4.39
N SER B 25 -2.52 10.77 5.63
CA SER B 25 -1.60 11.77 6.13
C SER B 25 -0.59 11.12 7.07
N GLY B 26 0.57 11.78 7.22
CA GLY B 26 1.65 11.29 8.04
C GLY B 26 2.58 10.32 7.32
N PHE B 27 2.26 10.01 6.06
CA PHE B 27 3.10 9.18 5.23
C PHE B 27 2.73 9.38 3.76
N SER B 28 3.61 8.92 2.88
CA SER B 28 3.49 9.09 1.45
C SER B 28 3.02 7.79 0.80
N LEU B 29 2.20 7.91 -0.26
CA LEU B 29 1.76 6.74 -1.00
C LEU B 29 2.86 6.06 -1.81
N THR B 30 3.97 6.79 -2.04
CA THR B 30 5.16 6.25 -2.65
C THR B 30 6.05 5.54 -1.63
N SER B 31 5.69 5.62 -0.35
CA SER B 31 6.37 4.87 0.70
C SER B 31 5.59 3.69 1.26
N TYR B 32 4.25 3.72 1.15
CA TYR B 32 3.42 2.65 1.69
C TYR B 32 2.22 2.41 0.78
N GLY B 33 1.94 1.14 0.50
CA GLY B 33 0.78 0.73 -0.27
C GLY B 33 -0.46 0.80 0.60
N VAL B 34 -1.62 0.58 -0.02
CA VAL B 34 -2.90 0.71 0.66
C VAL B 34 -3.85 -0.39 0.20
N HIS B 35 -4.51 -1.01 1.19
CA HIS B 35 -5.45 -2.10 1.02
C HIS B 35 -6.89 -1.61 1.19
N TRP B 36 -7.82 -2.36 0.59
CA TRP B 36 -9.24 -2.22 0.87
C TRP B 36 -9.80 -3.55 1.38
N VAL B 37 -10.56 -3.46 2.48
CA VAL B 37 -11.12 -4.59 3.19
C VAL B 37 -12.56 -4.24 3.54
N ARG B 38 -13.45 -5.23 3.58
CA ARG B 38 -14.79 -4.97 4.09
C ARG B 38 -15.16 -5.96 5.18
N GLN B 39 -16.16 -5.58 6.00
CA GLN B 39 -16.62 -6.38 7.10
C GLN B 39 -18.14 -6.43 7.12
N SER B 40 -18.71 -7.65 7.10
CA SER B 40 -20.15 -7.86 7.18
C SER B 40 -20.48 -8.98 8.16
N PRO B 41 -21.70 -9.00 8.75
CA PRO B 41 -22.11 -10.11 9.62
C PRO B 41 -21.97 -11.48 8.97
N GLY B 42 -22.40 -11.58 7.71
CA GLY B 42 -22.54 -12.85 7.03
C GLY B 42 -21.24 -13.46 6.50
N LYS B 43 -20.28 -12.60 6.17
CA LYS B 43 -19.03 -13.02 5.54
C LYS B 43 -17.77 -12.64 6.30
N GLY B 44 -17.92 -11.95 7.43
CA GLY B 44 -16.75 -11.55 8.22
C GLY B 44 -15.87 -10.51 7.52
N LEU B 45 -14.55 -10.59 7.74
CA LEU B 45 -13.60 -9.71 7.09
C LEU B 45 -13.11 -10.30 5.76
N GLU B 46 -13.25 -9.52 4.68
CA GLU B 46 -12.84 -9.91 3.34
C GLU B 46 -11.90 -8.87 2.73
N TRP B 47 -10.72 -9.32 2.27
CA TRP B 47 -9.85 -8.47 1.48
C TRP B 47 -10.41 -8.30 0.08
N LEU B 48 -10.39 -7.05 -0.41
CA LEU B 48 -10.85 -6.73 -1.75
C LEU B 48 -9.71 -6.51 -2.73
N GLY B 49 -8.71 -5.72 -2.30
CA GLY B 49 -7.54 -5.51 -3.14
C GLY B 49 -6.55 -4.53 -2.53
N LEU B 50 -5.45 -4.28 -3.25
CA LEU B 50 -4.46 -3.31 -2.84
C LEU B 50 -3.89 -2.50 -4.00
N ILE B 51 -3.23 -1.41 -3.63
CA ILE B 51 -2.37 -0.65 -4.53
C ILE B 51 -1.01 -0.50 -3.83
N TRP B 52 0.05 -0.74 -4.59
CA TRP B 52 1.41 -0.57 -4.10
C TRP B 52 1.97 0.80 -4.45
N SER B 53 3.07 1.17 -3.78
CA SER B 53 3.84 2.33 -4.20
C SER B 53 4.24 2.12 -5.66
N GLY B 54 4.02 3.15 -6.48
CA GLY B 54 4.21 3.03 -7.92
C GLY B 54 2.95 2.74 -8.72
N GLY B 55 1.86 2.37 -8.04
CA GLY B 55 0.55 2.30 -8.68
C GLY B 55 0.09 0.94 -9.17
N SER B 56 0.96 -0.08 -9.08
CA SER B 56 0.54 -1.44 -9.42
C SER B 56 -0.45 -2.00 -8.40
N THR B 57 -1.44 -2.74 -8.89
CA THR B 57 -2.54 -3.22 -8.08
C THR B 57 -2.61 -4.74 -7.97
N ASP B 58 -3.34 -5.22 -6.96
CA ASP B 58 -3.67 -6.63 -6.82
C ASP B 58 -5.11 -6.71 -6.31
N TYR B 59 -5.91 -7.56 -6.94
CA TYR B 59 -7.32 -7.73 -6.59
C TYR B 59 -7.65 -9.16 -6.15
N SER B 60 -8.63 -9.27 -5.24
CA SER B 60 -9.23 -10.54 -4.89
C SER B 60 -9.93 -11.11 -6.13
N PRO B 61 -9.82 -12.43 -6.40
CA PRO B 61 -10.41 -12.99 -7.61
C PRO B 61 -11.93 -12.85 -7.66
N ALA B 62 -12.56 -12.72 -6.48
CA ALA B 62 -14.00 -12.54 -6.38
C ALA B 62 -14.47 -11.14 -6.79
N PHE B 63 -13.55 -10.17 -6.82
CA PHE B 63 -13.89 -8.77 -7.08
C PHE B 63 -13.21 -8.15 -8.30
N ILE B 64 -12.29 -8.88 -8.93
CA ILE B 64 -11.47 -8.34 -9.98
C ILE B 64 -12.28 -7.88 -11.20
N SER B 65 -13.43 -8.53 -11.46
CA SER B 65 -14.29 -8.14 -12.57
C SER B 65 -14.99 -6.78 -12.40
N ARG B 66 -15.06 -6.26 -11.18
CA ARG B 66 -15.79 -5.02 -10.96
C ARG B 66 -15.15 -4.01 -10.01
N LEU B 67 -13.85 -4.19 -9.71
CA LEU B 67 -13.16 -3.33 -8.77
C LEU B 67 -11.97 -2.61 -9.41
N SER B 68 -11.86 -1.32 -9.10
CA SER B 68 -10.75 -0.48 -9.50
C SER B 68 -10.18 0.18 -8.25
N ILE B 69 -8.85 0.10 -8.08
CA ILE B 69 -8.15 0.90 -7.08
C ILE B 69 -7.10 1.72 -7.83
N SER B 70 -7.07 3.03 -7.55
CA SER B 70 -6.09 3.93 -8.17
C SER B 70 -5.75 5.03 -7.17
N GLU B 71 -4.85 5.94 -7.55
CA GLU B 71 -4.42 6.94 -6.60
C GLU B 71 -3.90 8.21 -7.26
N ASP B 72 -3.76 9.25 -6.43
CA ASP B 72 -3.12 10.50 -6.81
C ASP B 72 -2.08 10.81 -5.74
N ASN B 73 -0.80 10.61 -6.09
CA ASN B 73 0.28 10.82 -5.13
C ASN B 73 0.33 12.26 -4.63
N SER B 74 0.13 13.23 -5.53
CA SER B 74 0.23 14.64 -5.18
C SER B 74 -0.82 15.07 -4.17
N LYS B 75 -1.95 14.34 -4.12
CA LYS B 75 -3.03 14.65 -3.19
C LYS B 75 -3.12 13.69 -1.99
N SER B 76 -2.24 12.69 -1.95
CA SER B 76 -2.27 11.65 -0.93
C SER B 76 -3.65 10.99 -0.85
N GLN B 77 -4.20 10.63 -2.02
CA GLN B 77 -5.53 10.06 -2.10
C GLN B 77 -5.51 8.74 -2.85
N VAL B 78 -6.20 7.75 -2.28
CA VAL B 78 -6.45 6.48 -2.95
C VAL B 78 -7.94 6.39 -3.24
N PHE B 79 -8.27 6.01 -4.48
CA PHE B 79 -9.63 5.94 -4.97
C PHE B 79 -10.07 4.50 -5.11
N PHE B 80 -11.16 4.16 -4.40
CA PHE B 80 -11.78 2.85 -4.49
C PHE B 80 -13.06 2.98 -5.30
N LYS B 81 -13.25 2.10 -6.29
CA LYS B 81 -14.49 2.11 -7.06
C LYS B 81 -14.89 0.69 -7.40
N MET B 82 -16.11 0.32 -6.98
CA MET B 82 -16.64 -1.00 -7.25
C MET B 82 -18.00 -0.85 -7.93
N ASN B 83 -18.21 -1.65 -8.99
CA ASN B 83 -19.41 -1.55 -9.80
C ASN B 83 -20.48 -2.57 -9.42
N SER B 84 -21.72 -2.27 -9.82
CA SER B 84 -22.85 -3.18 -9.76
C SER B 84 -23.06 -3.80 -8.38
N LEU B 85 -23.16 -2.96 -7.34
CA LEU B 85 -23.39 -3.46 -6.00
C LEU B 85 -24.78 -4.08 -5.85
N GLN B 86 -24.86 -5.11 -5.00
CA GLN B 86 -26.11 -5.79 -4.73
C GLN B 86 -26.21 -5.92 -3.21
N ALA B 87 -27.35 -6.44 -2.74
CA ALA B 87 -27.64 -6.52 -1.32
C ALA B 87 -26.49 -7.09 -0.50
N ASP B 88 -25.87 -8.17 -1.00
CA ASP B 88 -24.79 -8.84 -0.29
C ASP B 88 -23.47 -8.07 -0.28
N ASP B 89 -23.42 -6.88 -0.90
CA ASP B 89 -22.27 -5.99 -0.75
C ASP B 89 -22.45 -5.00 0.40
N THR B 90 -23.59 -5.09 1.10
CA THR B 90 -23.80 -4.31 2.31
C THR B 90 -22.73 -4.66 3.34
N ALA B 91 -21.98 -3.67 3.81
CA ALA B 91 -20.83 -3.91 4.68
C ALA B 91 -20.21 -2.60 5.14
N ILE B 92 -19.25 -2.72 6.05
CA ILE B 92 -18.36 -1.62 6.40
C ILE B 92 -17.07 -1.79 5.61
N TYR B 93 -16.74 -0.78 4.79
CA TYR B 93 -15.58 -0.80 3.93
C TYR B 93 -14.47 -0.01 4.61
N PHE B 94 -13.24 -0.55 4.56
CA PHE B 94 -12.08 0.03 5.19
C PHE B 94 -10.93 0.16 4.19
N CYS B 95 -10.14 1.22 4.33
CA CYS B 95 -8.81 1.23 3.76
C CYS B 95 -7.85 0.99 4.92
N ALA B 96 -6.70 0.38 4.60
CA ALA B 96 -5.71 0.04 5.59
C ALA B 96 -4.34 0.08 4.93
N ARG B 97 -3.36 0.59 5.67
CA ARG B 97 -2.01 0.74 5.14
C ARG B 97 -1.27 -0.60 5.09
N ASN B 98 -0.61 -0.87 3.97
CA ASN B 98 0.41 -1.90 3.88
C ASN B 98 1.64 -1.43 4.66
N SER B 99 2.28 -2.35 5.40
CA SER B 99 3.43 -1.98 6.22
C SER B 99 4.68 -1.65 5.41
N TYR B 100 4.62 -1.82 4.09
CA TYR B 100 5.73 -1.47 3.22
C TYR B 100 5.21 -0.96 1.88
N SER B 101 6.13 -0.40 1.07
CA SER B 101 5.83 0.09 -0.27
C SER B 101 5.44 -0.99 -1.28
N SER B 102 6.03 -2.18 -1.13
CA SER B 102 5.72 -3.33 -1.96
C SER B 102 5.44 -4.55 -1.08
N GLY B 103 5.14 -5.69 -1.71
CA GLY B 103 4.99 -6.95 -1.00
C GLY B 103 3.66 -7.09 -0.27
N TYR B 104 3.33 -8.34 0.09
CA TYR B 104 2.25 -8.64 1.02
C TYR B 104 2.76 -8.47 2.44
N TYR B 105 2.39 -7.36 3.08
CA TYR B 105 2.69 -7.16 4.50
C TYR B 105 1.41 -6.98 5.32
N ALA B 106 1.58 -6.93 6.65
CA ALA B 106 0.47 -6.72 7.56
C ALA B 106 -0.10 -5.30 7.43
N MET B 107 -1.38 -5.17 7.77
CA MET B 107 -2.11 -3.91 7.69
C MET B 107 -1.96 -3.14 9.00
N ASP B 108 -1.02 -2.18 9.04
CA ASP B 108 -0.58 -1.61 10.29
C ASP B 108 -1.33 -0.36 10.78
N TYR B 109 -2.02 0.34 9.87
CA TYR B 109 -2.94 1.42 10.22
C TYR B 109 -4.21 1.33 9.37
N TRP B 110 -5.35 1.64 10.00
CA TRP B 110 -6.66 1.47 9.37
C TRP B 110 -7.45 2.78 9.33
N GLY B 111 -8.20 2.98 8.24
CA GLY B 111 -9.19 4.04 8.19
C GLY B 111 -10.32 3.78 9.17
N GLN B 112 -11.22 4.75 9.32
CA GLN B 112 -12.31 4.67 10.29
C GLN B 112 -13.49 3.83 9.80
N GLY B 113 -13.49 3.46 8.51
CA GLY B 113 -14.55 2.63 7.95
C GLY B 113 -15.68 3.47 7.37
N THR B 114 -16.29 2.97 6.28
CA THR B 114 -17.43 3.61 5.66
C THR B 114 -18.55 2.57 5.61
N SER B 115 -19.65 2.84 6.31
CA SER B 115 -20.79 1.93 6.29
C SER B 115 -21.55 2.13 4.98
N VAL B 116 -21.78 1.03 4.25
CA VAL B 116 -22.45 1.08 2.96
C VAL B 116 -23.61 0.08 2.98
N THR B 117 -24.81 0.58 2.72
CA THR B 117 -26.02 -0.22 2.63
C THR B 117 -26.51 -0.20 1.19
N VAL B 118 -26.74 -1.38 0.61
CA VAL B 118 -27.21 -1.48 -0.76
C VAL B 118 -28.70 -1.78 -0.69
N SER B 119 -29.52 -0.81 -1.12
CA SER B 119 -30.97 -0.87 -0.99
C SER B 119 -31.67 0.17 -1.85
N SER B 120 -32.91 -0.14 -2.25
CA SER B 120 -33.79 0.80 -2.90
C SER B 120 -34.66 1.59 -1.91
N ALA B 121 -34.59 1.24 -0.62
CA ALA B 121 -35.27 2.01 0.41
C ALA B 121 -34.64 3.40 0.51
N LYS B 122 -35.45 4.39 0.91
CA LYS B 122 -35.04 5.78 0.79
C LYS B 122 -34.45 6.33 2.09
N THR B 123 -33.50 7.27 1.93
CA THR B 123 -32.93 8.00 3.04
C THR B 123 -34.04 8.62 3.88
N THR B 124 -33.98 8.39 5.19
CA THR B 124 -34.95 8.91 6.14
C THR B 124 -34.22 9.46 7.36
N PRO B 125 -34.51 10.72 7.79
CA PRO B 125 -33.83 11.30 8.95
C PRO B 125 -34.44 10.79 10.26
N PRO B 126 -33.67 10.76 11.37
CA PRO B 126 -34.21 10.34 12.65
C PRO B 126 -35.13 11.40 13.26
N SER B 127 -36.14 10.94 14.00
CA SER B 127 -36.80 11.77 14.99
C SER B 127 -36.09 11.51 16.32
N VAL B 128 -35.79 12.59 17.04
CA VAL B 128 -35.04 12.49 18.28
C VAL B 128 -35.94 12.92 19.43
N TYR B 129 -36.12 12.05 20.42
CA TYR B 129 -37.02 12.34 21.53
C TYR B 129 -36.30 12.25 22.86
N PRO B 130 -36.52 13.21 23.78
CA PRO B 130 -35.89 13.19 25.10
C PRO B 130 -36.55 12.15 26.01
N LEU B 131 -35.73 11.52 26.85
CA LEU B 131 -36.22 10.57 27.84
C LEU B 131 -35.89 11.15 29.22
N ALA B 132 -36.91 11.70 29.87
CA ALA B 132 -36.78 12.30 31.20
C ALA B 132 -37.54 11.45 32.21
N PRO B 133 -37.06 11.36 33.48
CA PRO B 133 -37.80 10.64 34.52
C PRO B 133 -39.26 11.06 34.62
N GLY B 134 -40.16 10.08 34.79
CA GLY B 134 -41.58 10.32 34.86
C GLY B 134 -42.03 10.94 36.17
N SER B 141 -26.90 9.86 45.04
CA SER B 141 -28.05 9.69 44.15
C SER B 141 -27.66 10.06 42.72
N MET B 142 -27.97 9.15 41.79
CA MET B 142 -27.65 9.32 40.38
C MET B 142 -28.98 9.42 39.64
N VAL B 143 -28.99 10.13 38.51
CA VAL B 143 -30.16 10.19 37.65
C VAL B 143 -29.77 9.71 36.26
N THR B 144 -30.62 8.84 35.68
CA THR B 144 -30.42 8.36 34.33
C THR B 144 -31.38 9.10 33.40
N LEU B 145 -30.83 9.63 32.30
CA LEU B 145 -31.59 10.32 31.27
C LEU B 145 -31.33 9.58 29.95
N GLY B 146 -32.05 9.99 28.90
CA GLY B 146 -31.84 9.34 27.62
C GLY B 146 -32.36 10.10 26.41
N CYS B 147 -32.04 9.55 25.23
CA CYS B 147 -32.56 10.01 23.96
C CYS B 147 -32.94 8.80 23.12
N LEU B 148 -34.14 8.87 22.53
CA LEU B 148 -34.63 7.87 21.60
C LEU B 148 -34.45 8.44 20.20
N VAL B 149 -33.73 7.69 19.36
CA VAL B 149 -33.40 8.10 18.00
C VAL B 149 -34.14 7.15 17.06
N LYS B 150 -35.30 7.58 16.56
CA LYS B 150 -36.27 6.68 15.96
C LYS B 150 -36.51 6.92 14.47
N GLY B 151 -36.55 5.83 13.70
CA GLY B 151 -37.08 5.84 12.34
C GLY B 151 -36.15 6.40 11.26
N TYR B 152 -34.85 6.06 11.32
CA TYR B 152 -33.90 6.54 10.34
C TYR B 152 -33.41 5.43 9.40
N PHE B 153 -32.80 5.84 8.28
CA PHE B 153 -32.28 4.92 7.30
C PHE B 153 -31.36 5.67 6.34
N PRO B 154 -30.17 5.14 5.97
CA PRO B 154 -29.62 3.89 6.51
C PRO B 154 -28.84 4.12 7.81
N GLU B 155 -28.24 3.07 8.35
CA GLU B 155 -27.20 3.20 9.35
C GLU B 155 -25.99 3.96 8.81
N PRO B 156 -25.16 4.62 9.64
CA PRO B 156 -25.36 4.72 11.08
C PRO B 156 -25.74 6.11 11.60
N VAL B 157 -25.97 6.19 12.91
CA VAL B 157 -26.07 7.47 13.61
C VAL B 157 -24.95 7.50 14.64
N THR B 158 -24.60 8.70 15.09
CA THR B 158 -23.74 8.84 16.26
C THR B 158 -24.51 9.64 17.29
N VAL B 159 -24.24 9.34 18.57
CA VAL B 159 -24.82 10.06 19.70
C VAL B 159 -23.70 10.50 20.64
N THR B 160 -23.70 11.78 21.03
CA THR B 160 -22.84 12.26 22.10
C THR B 160 -23.74 12.98 23.10
N TRP B 161 -23.15 13.26 24.27
CA TRP B 161 -23.83 13.98 25.33
C TRP B 161 -22.97 15.18 25.74
N ASN B 162 -23.62 16.36 25.83
CA ASN B 162 -22.93 17.62 26.05
C ASN B 162 -21.65 17.73 25.20
N SER B 163 -21.81 17.42 23.91
CA SER B 163 -20.74 17.54 22.92
C SER B 163 -19.50 16.70 23.24
N GLY B 164 -19.69 15.56 23.90
CA GLY B 164 -18.58 14.70 24.29
C GLY B 164 -18.05 14.90 25.71
N SER B 165 -18.49 15.98 26.37
CA SER B 165 -18.07 16.26 27.75
C SER B 165 -18.54 15.19 28.72
N LEU B 166 -19.76 14.69 28.50
CA LEU B 166 -20.27 13.53 29.20
C LEU B 166 -20.00 12.30 28.35
N SER B 167 -18.99 11.51 28.75
CA SER B 167 -18.62 10.29 28.04
C SER B 167 -18.68 9.07 28.97
N SER B 168 -18.22 9.24 30.20
CA SER B 168 -18.44 8.25 31.24
C SER B 168 -19.93 8.12 31.51
N GLY B 169 -20.37 6.90 31.83
CA GLY B 169 -21.76 6.68 32.19
C GLY B 169 -22.77 6.74 31.05
N VAL B 170 -22.26 6.69 29.81
CA VAL B 170 -23.09 6.65 28.61
C VAL B 170 -23.20 5.23 28.09
N HIS B 171 -24.42 4.82 27.70
CA HIS B 171 -24.63 3.58 26.98
C HIS B 171 -25.45 3.86 25.73
N THR B 172 -24.82 3.76 24.56
CA THR B 172 -25.52 3.89 23.29
C THR B 172 -25.72 2.48 22.72
N PHE B 173 -26.99 2.11 22.52
CA PHE B 173 -27.37 0.75 22.21
C PHE B 173 -27.36 0.51 20.70
N PRO B 174 -27.02 -0.72 20.24
CA PRO B 174 -27.14 -1.04 18.83
C PRO B 174 -28.57 -0.81 18.35
N ALA B 175 -28.69 -0.37 17.10
CA ALA B 175 -29.98 -0.09 16.51
C ALA B 175 -30.73 -1.40 16.25
N VAL B 176 -32.06 -1.32 16.23
CA VAL B 176 -32.90 -2.43 15.82
C VAL B 176 -33.65 -2.00 14.56
N LEU B 177 -33.84 -2.95 13.65
CA LEU B 177 -34.39 -2.69 12.34
C LEU B 177 -35.82 -3.23 12.21
N GLN B 178 -36.81 -2.32 12.15
CA GLN B 178 -38.14 -2.68 11.72
C GLN B 178 -38.65 -1.77 10.60
N SER B 179 -39.10 -2.40 9.51
CA SER B 179 -39.80 -1.74 8.41
C SER B 179 -38.89 -0.79 7.62
N ASP B 180 -37.69 -1.28 7.30
CA ASP B 180 -36.65 -0.47 6.68
C ASP B 180 -36.38 0.82 7.45
N LEU B 181 -36.60 0.77 8.78
CA LEU B 181 -36.27 1.89 9.65
C LEU B 181 -35.55 1.38 10.88
N TYR B 182 -34.48 2.09 11.26
CA TYR B 182 -33.68 1.77 12.43
C TYR B 182 -34.11 2.66 13.60
N THR B 183 -34.01 2.10 14.81
CA THR B 183 -34.24 2.84 16.04
C THR B 183 -33.18 2.46 17.07
N LEU B 184 -32.62 3.45 17.76
CA LEU B 184 -31.78 3.15 18.91
C LEU B 184 -32.04 4.17 20.02
N SER B 185 -31.62 3.81 21.23
CA SER B 185 -31.64 4.71 22.38
C SER B 185 -30.23 4.87 22.92
N SER B 186 -30.00 5.97 23.65
CA SER B 186 -28.76 6.19 24.38
C SER B 186 -29.15 6.64 25.78
N SER B 187 -28.50 6.06 26.80
CA SER B 187 -28.65 6.52 28.17
C SER B 187 -27.42 7.26 28.65
N VAL B 188 -27.64 8.24 29.55
CA VAL B 188 -26.56 8.87 30.30
C VAL B 188 -26.96 8.92 31.76
N THR B 189 -25.99 8.64 32.65
CA THR B 189 -26.20 8.69 34.08
C THR B 189 -25.30 9.77 34.67
N VAL B 190 -25.91 10.67 35.43
CA VAL B 190 -25.21 11.80 36.03
C VAL B 190 -25.60 11.89 37.50
N PRO B 191 -24.80 12.57 38.36
CA PRO B 191 -25.23 12.91 39.71
C PRO B 191 -26.51 13.76 39.68
N SER B 192 -27.42 13.50 40.62
CA SER B 192 -28.68 14.25 40.69
C SER B 192 -28.46 15.70 41.13
N SER B 193 -27.25 16.01 41.60
CA SER B 193 -26.85 17.38 41.89
C SER B 193 -26.43 18.15 40.64
N THR B 194 -26.32 17.46 39.51
CA THR B 194 -26.00 18.11 38.24
C THR B 194 -27.20 18.28 37.32
N TRP B 195 -28.25 17.47 37.51
CA TRP B 195 -29.47 17.60 36.73
C TRP B 195 -30.70 17.52 37.63
N PRO B 196 -31.71 18.40 37.49
CA PRO B 196 -31.80 19.35 36.37
C PRO B 196 -31.17 20.74 36.53
N SER B 197 -30.35 20.93 37.58
CA SER B 197 -29.71 22.23 37.79
C SER B 197 -28.75 22.63 36.67
N GLU B 198 -28.17 21.64 35.98
CA GLU B 198 -27.34 21.92 34.82
C GLU B 198 -27.95 21.25 33.58
N THR B 199 -27.58 21.77 32.41
CA THR B 199 -28.19 21.38 31.15
C THR B 199 -27.53 20.08 30.67
N VAL B 200 -28.38 19.16 30.19
CA VAL B 200 -27.89 17.94 29.57
C VAL B 200 -28.53 17.82 28.19
N THR B 201 -27.67 17.62 27.18
CA THR B 201 -28.10 17.61 25.79
C THR B 201 -27.51 16.41 25.05
N CYS B 202 -28.34 15.67 24.31
CA CYS B 202 -27.82 14.65 23.40
C CYS B 202 -27.66 15.27 22.03
N ASN B 203 -26.52 14.97 21.39
CA ASN B 203 -26.18 15.47 20.08
C ASN B 203 -26.24 14.26 19.14
N VAL B 204 -27.21 14.27 18.23
CA VAL B 204 -27.43 13.17 17.31
C VAL B 204 -27.03 13.60 15.90
N ALA B 205 -26.27 12.73 15.20
CA ALA B 205 -25.88 12.96 13.83
C ALA B 205 -26.25 11.76 12.97
N HIS B 206 -26.84 12.04 11.80
CA HIS B 206 -27.18 11.04 10.80
C HIS B 206 -26.63 11.55 9.47
N PRO B 207 -25.31 11.39 9.20
CA PRO B 207 -24.69 11.95 8.01
C PRO B 207 -25.42 11.68 6.69
N ALA B 208 -25.98 10.48 6.54
CA ALA B 208 -26.62 10.12 5.29
C ALA B 208 -27.82 11.00 4.92
N SER B 209 -28.46 11.62 5.92
CA SER B 209 -29.54 12.58 5.67
C SER B 209 -29.13 14.01 5.99
N SER B 210 -27.84 14.23 6.25
CA SER B 210 -27.30 15.51 6.63
C SER B 210 -28.03 16.09 7.85
N THR B 211 -28.35 15.21 8.81
CA THR B 211 -29.08 15.60 10.00
C THR B 211 -28.14 15.78 11.18
N LYS B 212 -28.28 16.92 11.87
CA LYS B 212 -27.66 17.15 13.16
C LYS B 212 -28.73 17.75 14.06
N VAL B 213 -29.00 17.07 15.17
CA VAL B 213 -30.02 17.49 16.12
C VAL B 213 -29.42 17.55 17.52
N ASP B 214 -29.76 18.60 18.26
CA ASP B 214 -29.47 18.68 19.68
C ASP B 214 -30.81 18.69 20.41
N LYS B 215 -30.94 17.79 21.39
CA LYS B 215 -32.15 17.70 22.18
C LYS B 215 -31.78 17.83 23.66
N LYS B 216 -32.22 18.94 24.27
CA LYS B 216 -32.03 19.17 25.69
C LYS B 216 -33.00 18.29 26.47
N ILE B 217 -32.53 17.72 27.58
CA ILE B 217 -33.38 16.93 28.46
C ILE B 217 -33.82 17.82 29.62
N VAL B 218 -35.13 18.07 29.71
CA VAL B 218 -35.69 18.89 30.77
C VAL B 218 -36.72 18.08 31.54
N PRO B 219 -36.96 18.38 32.85
CA PRO B 219 -37.95 17.66 33.63
C PRO B 219 -39.35 17.79 33.03
N ARG B 220 -40.15 16.75 33.24
CA ARG B 220 -41.53 16.73 32.78
C ARG B 220 -42.44 17.56 33.68
N ASP B 221 -43.63 17.88 33.16
CA ASP B 221 -44.74 18.43 33.95
C ASP B 221 -44.58 19.95 34.14
N ASP C 1 -8.80 -21.33 -2.12
CA ASP C 1 -8.25 -20.38 -1.17
C ASP C 1 -7.88 -21.06 0.15
N ILE C 2 -6.86 -20.52 0.82
CA ILE C 2 -6.52 -20.91 2.18
C ILE C 2 -7.62 -20.48 3.13
N VAL C 3 -7.97 -21.37 4.07
CA VAL C 3 -8.95 -21.09 5.10
C VAL C 3 -8.22 -20.96 6.43
N MET C 4 -8.53 -19.89 7.17
CA MET C 4 -7.97 -19.67 8.49
C MET C 4 -9.08 -19.92 9.52
N THR C 5 -8.94 -21.02 10.29
CA THR C 5 -9.97 -21.45 11.22
C THR C 5 -9.62 -21.08 12.66
N GLN C 6 -10.49 -20.23 13.25
CA GLN C 6 -10.50 -19.96 14.67
C GLN C 6 -11.69 -20.73 15.24
N SER C 7 -11.43 -21.85 15.91
CA SER C 7 -12.49 -22.71 16.41
C SER C 7 -13.21 -22.12 17.62
N GLN C 8 -12.53 -21.21 18.34
CA GLN C 8 -13.10 -20.55 19.51
C GLN C 8 -13.82 -19.27 19.09
N LYS C 9 -15.16 -19.32 19.03
CA LYS C 9 -15.97 -18.16 18.74
C LYS C 9 -15.99 -17.18 19.92
N PHE C 10 -16.02 -17.76 21.13
CA PHE C 10 -16.09 -17.02 22.38
C PHE C 10 -15.20 -17.74 23.40
N MET C 11 -14.53 -16.97 24.26
CA MET C 11 -13.69 -17.53 25.30
C MET C 11 -13.94 -16.77 26.60
N SER C 12 -14.22 -17.50 27.67
CA SER C 12 -14.33 -16.91 29.00
C SER C 12 -12.97 -16.82 29.68
N THR C 13 -12.74 -15.70 30.37
CA THR C 13 -11.50 -15.50 31.10
C THR C 13 -11.73 -14.59 32.31
N THR C 14 -10.62 -14.19 32.94
CA THR C 14 -10.63 -13.49 34.21
C THR C 14 -9.47 -12.50 34.15
N VAL C 15 -9.67 -11.31 34.73
CA VAL C 15 -8.60 -10.34 34.83
C VAL C 15 -7.41 -11.01 35.50
N GLY C 16 -6.22 -10.86 34.88
CA GLY C 16 -4.99 -11.42 35.42
C GLY C 16 -4.63 -12.81 34.87
N ASP C 17 -5.58 -13.49 34.23
CA ASP C 17 -5.33 -14.83 33.70
C ASP C 17 -4.74 -14.81 32.28
N ARG C 18 -4.21 -15.97 31.87
CA ARG C 18 -3.68 -16.14 30.53
C ARG C 18 -4.76 -16.62 29.55
N VAL C 19 -4.75 -16.04 28.35
CA VAL C 19 -5.67 -16.40 27.29
C VAL C 19 -4.85 -16.87 26.08
N SER C 20 -5.26 -18.00 25.49
CA SER C 20 -4.55 -18.58 24.36
C SER C 20 -5.53 -18.79 23.20
N ILE C 21 -5.44 -17.91 22.20
CA ILE C 21 -6.32 -17.91 21.04
C ILE C 21 -5.63 -18.65 19.89
N THR C 22 -6.30 -19.68 19.37
CA THR C 22 -5.72 -20.51 18.34
C THR C 22 -6.27 -20.19 16.95
N CYS C 23 -5.44 -20.47 15.95
CA CYS C 23 -5.80 -20.24 14.56
C CYS C 23 -5.10 -21.29 13.72
N LYS C 24 -5.87 -22.01 12.89
CA LYS C 24 -5.33 -23.08 12.07
C LYS C 24 -5.52 -22.80 10.59
N ALA C 25 -4.39 -22.72 9.86
CA ALA C 25 -4.38 -22.55 8.42
C ALA C 25 -4.61 -23.88 7.71
N SER C 26 -5.40 -23.86 6.64
CA SER C 26 -5.73 -25.07 5.90
C SER C 26 -4.57 -25.59 5.04
N GLN C 27 -3.59 -24.72 4.78
CA GLN C 27 -2.35 -25.10 4.13
C GLN C 27 -1.22 -24.36 4.84
N ASN C 28 0.03 -24.77 4.58
CA ASN C 28 1.19 -24.13 5.16
C ASN C 28 1.29 -22.67 4.70
N VAL C 29 1.47 -21.75 5.66
CA VAL C 29 1.62 -20.33 5.36
C VAL C 29 2.92 -19.76 5.91
N GLY C 30 3.85 -20.62 6.32
CA GLY C 30 5.13 -20.19 6.86
C GLY C 30 4.92 -19.37 8.14
N THR C 31 5.44 -18.15 8.16
CA THR C 31 5.24 -17.22 9.25
C THR C 31 4.52 -15.96 8.79
N ALA C 32 3.88 -15.99 7.61
CA ALA C 32 3.20 -14.83 7.06
C ALA C 32 1.80 -14.71 7.64
N VAL C 33 1.73 -14.40 8.94
CA VAL C 33 0.50 -14.36 9.69
C VAL C 33 0.50 -13.10 10.55
N ALA C 34 -0.69 -12.47 10.65
CA ALA C 34 -0.88 -11.34 11.53
C ALA C 34 -2.10 -11.56 12.41
N TRP C 35 -2.09 -10.89 13.56
CA TRP C 35 -3.21 -10.86 14.48
C TRP C 35 -3.69 -9.43 14.69
N TYR C 36 -5.02 -9.27 14.70
CA TYR C 36 -5.67 -7.98 14.88
C TYR C 36 -6.63 -8.01 16.05
N GLN C 37 -6.75 -6.86 16.72
CA GLN C 37 -7.68 -6.64 17.81
C GLN C 37 -8.72 -5.64 17.35
N GLN C 38 -10.01 -5.97 17.51
CA GLN C 38 -11.09 -5.07 17.16
C GLN C 38 -12.07 -4.96 18.32
N LYS C 39 -12.14 -3.75 18.89
CA LYS C 39 -13.09 -3.44 19.96
C LYS C 39 -14.39 -2.98 19.33
N PRO C 40 -15.53 -3.03 20.05
CA PRO C 40 -16.82 -2.64 19.47
C PRO C 40 -16.81 -1.23 18.89
N GLY C 41 -17.36 -1.10 17.67
CA GLY C 41 -17.46 0.17 16.98
C GLY C 41 -16.13 0.81 16.55
N GLN C 42 -15.06 0.01 16.53
CA GLN C 42 -13.75 0.50 16.13
C GLN C 42 -13.20 -0.27 14.94
N SER C 43 -12.17 0.31 14.32
CA SER C 43 -11.42 -0.36 13.26
C SER C 43 -10.47 -1.37 13.87
N PRO C 44 -10.07 -2.44 13.14
CA PRO C 44 -9.05 -3.36 13.64
C PRO C 44 -7.72 -2.65 13.91
N LYS C 45 -6.94 -3.26 14.81
CA LYS C 45 -5.64 -2.74 15.22
C LYS C 45 -4.64 -3.89 15.14
N LEU C 46 -3.47 -3.62 14.54
CA LEU C 46 -2.46 -4.65 14.37
C LEU C 46 -1.77 -4.90 15.71
N LEU C 47 -1.68 -6.19 16.11
CA LEU C 47 -0.94 -6.60 17.29
C LEU C 47 0.38 -7.27 16.93
N ILE C 48 0.29 -8.27 16.05
CA ILE C 48 1.38 -9.18 15.73
C ILE C 48 1.51 -9.30 14.22
N TYR C 49 2.74 -9.24 13.71
CA TYR C 49 3.04 -9.53 12.31
C TYR C 49 4.14 -10.58 12.17
N SER C 50 4.19 -11.24 11.00
CA SER C 50 5.12 -12.33 10.77
C SER C 50 5.07 -13.38 11.88
N ALA C 51 3.83 -13.72 12.30
CA ALA C 51 3.54 -14.75 13.28
C ALA C 51 3.94 -14.45 14.72
N SER C 52 5.12 -13.86 14.92
CA SER C 52 5.68 -13.72 16.25
C SER C 52 6.29 -12.35 16.59
N ASN C 53 6.19 -11.40 15.66
CA ASN C 53 6.74 -10.07 15.90
C ASN C 53 5.66 -9.15 16.45
N ARG C 54 5.91 -8.61 17.65
CA ARG C 54 5.01 -7.65 18.28
C ARG C 54 5.15 -6.30 17.57
N TYR C 55 4.03 -5.75 17.08
CA TYR C 55 4.06 -4.45 16.44
C TYR C 55 4.43 -3.37 17.45
N THR C 56 5.17 -2.35 16.99
CA THR C 56 5.67 -1.31 17.87
C THR C 56 4.50 -0.64 18.59
N GLY C 57 4.66 -0.40 19.91
CA GLY C 57 3.63 0.21 20.74
C GLY C 57 2.66 -0.78 21.39
N VAL C 58 2.57 -2.00 20.85
CA VAL C 58 1.69 -3.03 21.38
C VAL C 58 2.18 -3.50 22.74
N PRO C 59 1.33 -3.60 23.77
CA PRO C 59 1.79 -4.00 25.11
C PRO C 59 2.44 -5.38 25.12
N ASP C 60 3.40 -5.56 26.05
CA ASP C 60 4.17 -6.78 26.15
C ASP C 60 3.36 -8.06 26.42
N ARG C 61 2.21 -7.91 27.07
CA ARG C 61 1.39 -9.07 27.38
C ARG C 61 0.81 -9.79 26.17
N PHE C 62 0.90 -9.17 24.98
CA PHE C 62 0.50 -9.81 23.73
C PHE C 62 1.71 -10.45 23.06
N THR C 63 1.64 -11.77 22.85
CA THR C 63 2.68 -12.52 22.17
C THR C 63 2.07 -13.44 21.12
N GLY C 64 2.69 -13.49 19.94
CA GLY C 64 2.29 -14.42 18.89
C GLY C 64 3.31 -15.54 18.74
N SER C 65 2.82 -16.74 18.39
CA SER C 65 3.70 -17.87 18.12
C SER C 65 3.14 -18.80 17.06
N GLY C 66 4.01 -19.64 16.50
CA GLY C 66 3.64 -20.67 15.55
C GLY C 66 4.26 -20.46 14.16
N SER C 67 4.28 -21.55 13.38
CA SER C 67 4.72 -21.52 12.00
C SER C 67 4.17 -22.74 11.28
N GLY C 68 3.95 -22.60 9.97
CA GLY C 68 3.34 -23.65 9.19
C GLY C 68 1.82 -23.49 9.17
N THR C 69 1.12 -24.18 10.07
CA THR C 69 -0.34 -24.17 10.10
C THR C 69 -0.98 -23.77 11.44
N ASP C 70 -0.26 -23.93 12.54
CA ASP C 70 -0.82 -23.73 13.87
C ASP C 70 -0.27 -22.46 14.53
N PHE C 71 -1.16 -21.49 14.74
CA PHE C 71 -0.77 -20.19 15.28
C PHE C 71 -1.53 -19.87 16.55
N THR C 72 -0.85 -19.18 17.47
CA THR C 72 -1.45 -18.81 18.75
C THR C 72 -1.16 -17.37 19.11
N LEU C 73 -2.19 -16.67 19.58
CA LEU C 73 -2.04 -15.38 20.23
C LEU C 73 -2.25 -15.58 21.72
N THR C 74 -1.24 -15.21 22.51
CA THR C 74 -1.30 -15.32 23.96
C THR C 74 -1.39 -13.94 24.60
N ILE C 75 -2.41 -13.74 25.45
CA ILE C 75 -2.47 -12.60 26.34
C ILE C 75 -2.06 -13.08 27.72
N SER C 76 -0.92 -12.61 28.22
CA SER C 76 -0.32 -13.20 29.41
C SER C 76 -1.01 -12.82 30.72
N ASN C 77 -1.64 -11.63 30.75
CA ASN C 77 -2.37 -11.21 31.93
C ASN C 77 -3.54 -10.32 31.51
N MET C 78 -4.70 -10.96 31.31
CA MET C 78 -5.90 -10.33 30.77
C MET C 78 -6.27 -9.09 31.56
N GLN C 79 -6.56 -8.00 30.82
CA GLN C 79 -7.07 -6.77 31.40
C GLN C 79 -8.47 -6.53 30.82
N SER C 80 -9.31 -5.81 31.57
CA SER C 80 -10.67 -5.54 31.11
C SER C 80 -10.69 -4.80 29.77
N GLU C 81 -9.68 -3.95 29.53
CA GLU C 81 -9.56 -3.23 28.27
C GLU C 81 -9.15 -4.10 27.08
N ASP C 82 -8.89 -5.39 27.33
CA ASP C 82 -8.56 -6.32 26.25
C ASP C 82 -9.79 -7.04 25.72
N LEU C 83 -10.98 -6.71 26.24
CA LEU C 83 -12.22 -7.20 25.67
C LEU C 83 -12.31 -6.75 24.21
N ALA C 84 -12.41 -7.72 23.30
CA ALA C 84 -12.36 -7.46 21.87
C ALA C 84 -12.60 -8.74 21.08
N ASP C 85 -12.75 -8.57 19.77
CA ASP C 85 -12.68 -9.66 18.80
C ASP C 85 -11.25 -9.71 18.24
N TYR C 86 -10.67 -10.90 18.26
CA TYR C 86 -9.31 -11.11 17.80
C TYR C 86 -9.32 -11.98 16.55
N PHE C 87 -8.62 -11.51 15.51
CA PHE C 87 -8.60 -12.13 14.21
C PHE C 87 -7.18 -12.45 13.79
N CYS C 88 -7.00 -13.66 13.26
CA CYS C 88 -5.79 -14.02 12.56
C CYS C 88 -6.00 -13.78 11.06
N GLN C 89 -4.90 -13.74 10.32
N GLN C 89 -4.90 -13.84 10.31
CA GLN C 89 -4.94 -13.67 8.87
CA GLN C 89 -4.86 -13.53 8.90
C GLN C 89 -3.61 -14.18 8.32
C GLN C 89 -3.58 -14.10 8.28
N GLN C 90 -3.68 -14.73 7.11
CA GLN C 90 -2.50 -15.14 6.35
C GLN C 90 -2.29 -14.23 5.14
N TYR C 91 -1.02 -13.98 4.81
CA TYR C 91 -0.67 -13.30 3.58
C TYR C 91 0.53 -13.95 2.88
N SER C 92 0.57 -15.29 2.94
CA SER C 92 1.64 -16.08 2.36
C SER C 92 1.49 -16.21 0.85
N SER C 93 0.25 -16.46 0.40
CA SER C 93 -0.01 -16.74 -1.01
C SER C 93 -1.39 -16.27 -1.48
N TYR C 94 -1.51 -16.17 -2.81
CA TYR C 94 -2.68 -15.60 -3.44
C TYR C 94 -3.84 -16.60 -3.45
N PRO C 95 -5.10 -16.20 -3.17
CA PRO C 95 -5.41 -14.86 -2.69
C PRO C 95 -4.97 -14.60 -1.24
N PRO C 96 -4.24 -13.48 -0.99
CA PRO C 96 -3.75 -13.16 0.34
C PRO C 96 -4.82 -12.56 1.25
N TYR C 97 -4.50 -12.44 2.54
CA TYR C 97 -5.30 -11.74 3.52
C TYR C 97 -6.66 -12.41 3.77
N THR C 98 -6.67 -13.76 3.74
CA THR C 98 -7.83 -14.50 4.23
C THR C 98 -7.78 -14.36 5.75
N PHE C 99 -8.93 -14.05 6.34
CA PHE C 99 -9.06 -13.80 7.77
C PHE C 99 -9.73 -14.96 8.48
N GLY C 100 -9.35 -15.19 9.73
CA GLY C 100 -10.10 -16.07 10.61
C GLY C 100 -11.44 -15.45 10.96
N GLY C 101 -12.34 -16.25 11.54
CA GLY C 101 -13.70 -15.82 11.86
C GLY C 101 -13.79 -14.96 13.11
N GLY C 102 -12.66 -14.79 13.81
CA GLY C 102 -12.65 -14.02 15.05
C GLY C 102 -12.95 -14.83 16.31
N THR C 103 -12.29 -14.43 17.42
CA THR C 103 -12.50 -14.99 18.74
C THR C 103 -12.82 -13.83 19.69
N LYS C 104 -14.04 -13.81 20.23
CA LYS C 104 -14.45 -12.79 21.18
C LYS C 104 -14.19 -13.23 22.62
N LEU C 105 -13.67 -12.31 23.43
CA LEU C 105 -13.36 -12.60 24.82
C LEU C 105 -14.51 -12.15 25.71
N GLU C 106 -14.74 -12.90 26.80
CA GLU C 106 -15.68 -12.51 27.85
C GLU C 106 -14.95 -12.60 29.18
N ILE C 107 -15.17 -11.61 30.05
CA ILE C 107 -14.51 -11.53 31.34
C ILE C 107 -15.52 -11.88 32.42
N LYS C 108 -15.12 -12.79 33.32
CA LYS C 108 -15.90 -13.10 34.50
C LYS C 108 -15.52 -12.11 35.60
N ARG C 109 -16.55 -11.52 36.23
CA ARG C 109 -16.36 -10.57 37.30
C ARG C 109 -17.40 -10.82 38.38
N ALA C 110 -17.40 -10.00 39.44
CA ALA C 110 -18.36 -10.11 40.52
C ALA C 110 -19.77 -9.75 40.05
N ASP C 111 -20.78 -10.37 40.66
CA ASP C 111 -22.15 -10.10 40.29
C ASP C 111 -22.51 -8.64 40.56
N ALA C 112 -23.36 -8.07 39.69
CA ALA C 112 -23.88 -6.72 39.86
C ALA C 112 -25.35 -6.68 39.42
N ALA C 113 -26.21 -6.17 40.30
CA ALA C 113 -27.62 -6.01 39.97
C ALA C 113 -27.78 -4.87 38.97
N PRO C 114 -28.77 -4.95 38.04
CA PRO C 114 -28.99 -3.87 37.07
C PRO C 114 -29.54 -2.60 37.73
N THR C 115 -29.18 -1.45 37.16
CA THR C 115 -29.84 -0.18 37.45
C THR C 115 -30.95 -0.03 36.42
N VAL C 116 -32.21 -0.04 36.88
CA VAL C 116 -33.37 -0.02 36.00
C VAL C 116 -34.04 1.35 36.05
N SER C 117 -34.32 1.90 34.86
CA SER C 117 -34.93 3.22 34.70
C SER C 117 -36.01 3.13 33.62
N ILE C 118 -37.20 3.64 33.91
CA ILE C 118 -38.29 3.65 32.95
C ILE C 118 -38.61 5.08 32.53
N PHE C 119 -38.99 5.24 31.26
CA PHE C 119 -39.26 6.56 30.69
C PHE C 119 -40.56 6.52 29.89
N PRO C 120 -41.54 7.40 30.22
CA PRO C 120 -42.76 7.50 29.44
C PRO C 120 -42.51 8.10 28.07
N PRO C 121 -43.48 8.02 27.13
CA PRO C 121 -43.39 8.75 25.87
C PRO C 121 -43.17 10.24 26.11
N SER C 122 -42.30 10.85 25.31
CA SER C 122 -42.14 12.29 25.31
C SER C 122 -43.38 12.96 24.74
N SER C 123 -43.64 14.20 25.20
CA SER C 123 -44.72 15.01 24.65
C SER C 123 -44.51 15.20 23.14
N GLU C 124 -43.26 15.39 22.71
CA GLU C 124 -42.94 15.54 21.31
C GLU C 124 -43.42 14.34 20.48
N GLN C 125 -43.11 13.12 20.93
CA GLN C 125 -43.51 11.93 20.21
C GLN C 125 -45.03 11.80 20.18
N LEU C 126 -45.67 12.09 21.31
CA LEU C 126 -47.11 12.01 21.45
C LEU C 126 -47.84 12.96 20.48
N THR C 127 -47.25 14.15 20.27
CA THR C 127 -47.78 15.10 19.30
C THR C 127 -47.82 14.51 17.89
N SER C 128 -46.83 13.68 17.55
CA SER C 128 -46.72 13.07 16.23
C SER C 128 -47.52 11.78 16.06
N GLY C 129 -48.24 11.36 17.12
CA GLY C 129 -49.14 10.23 17.04
C GLY C 129 -48.58 8.89 17.52
N GLY C 130 -47.35 8.91 18.06
CA GLY C 130 -46.68 7.69 18.52
C GLY C 130 -46.46 7.68 20.03
N ALA C 131 -46.12 6.50 20.55
CA ALA C 131 -45.83 6.35 21.99
C ALA C 131 -44.89 5.19 22.26
N SER C 132 -43.61 5.52 22.50
CA SER C 132 -42.60 4.55 22.88
C SER C 132 -42.30 4.73 24.37
N VAL C 133 -42.32 3.60 25.09
CA VAL C 133 -41.93 3.54 26.50
C VAL C 133 -40.59 2.83 26.55
N VAL C 134 -39.60 3.47 27.18
CA VAL C 134 -38.25 2.95 27.19
C VAL C 134 -37.82 2.55 28.60
N CYS C 135 -37.17 1.37 28.69
CA CYS C 135 -36.58 0.89 29.92
C CYS C 135 -35.11 0.57 29.69
N PHE C 136 -34.23 1.12 30.53
CA PHE C 136 -32.82 0.76 30.54
C PHE C 136 -32.51 -0.15 31.72
N LEU C 137 -31.82 -1.25 31.43
CA LEU C 137 -31.28 -2.16 32.43
C LEU C 137 -29.76 -2.13 32.33
N ASN C 138 -29.11 -1.34 33.20
CA ASN C 138 -27.72 -0.96 32.98
C ASN C 138 -26.73 -1.52 34.00
N ASN C 139 -25.54 -1.85 33.47
CA ASN C 139 -24.37 -2.18 34.26
C ASN C 139 -24.58 -3.38 35.19
N PHE C 140 -24.99 -4.50 34.59
CA PHE C 140 -25.24 -5.71 35.35
C PHE C 140 -24.29 -6.84 34.94
N TYR C 141 -24.20 -7.84 35.84
CA TYR C 141 -23.41 -9.04 35.60
C TYR C 141 -23.94 -10.14 36.52
N PRO C 142 -24.12 -11.40 36.07
CA PRO C 142 -23.79 -11.85 34.71
C PRO C 142 -24.76 -11.45 33.60
N LYS C 143 -24.53 -12.00 32.40
CA LYS C 143 -25.17 -11.55 31.18
C LYS C 143 -26.66 -11.85 31.11
N ASP C 144 -27.07 -13.01 31.63
CA ASP C 144 -28.45 -13.46 31.49
C ASP C 144 -29.40 -12.56 32.27
N ILE C 145 -30.46 -12.09 31.58
CA ILE C 145 -31.45 -11.21 32.18
C ILE C 145 -32.75 -11.32 31.40
N ASN C 146 -33.88 -11.06 32.08
CA ASN C 146 -35.20 -11.14 31.48
C ASN C 146 -35.95 -9.83 31.74
N VAL C 147 -36.60 -9.28 30.70
CA VAL C 147 -37.42 -8.10 30.86
C VAL C 147 -38.86 -8.43 30.48
N LYS C 148 -39.80 -7.99 31.33
CA LYS C 148 -41.22 -8.09 31.04
C LYS C 148 -41.84 -6.70 31.15
N TRP C 149 -42.79 -6.42 30.24
CA TRP C 149 -43.58 -5.21 30.27
C TRP C 149 -44.99 -5.55 30.71
N LYS C 150 -45.53 -4.76 31.65
CA LYS C 150 -46.93 -4.89 32.04
C LYS C 150 -47.67 -3.56 31.86
N ILE C 151 -48.93 -3.66 31.42
CA ILE C 151 -49.81 -2.53 31.22
C ILE C 151 -51.01 -2.77 32.12
N ASP C 152 -51.18 -1.91 33.13
CA ASP C 152 -52.13 -2.14 34.20
C ASP C 152 -52.09 -3.58 34.72
N GLY C 153 -50.87 -4.11 34.90
CA GLY C 153 -50.67 -5.41 35.51
C GLY C 153 -50.70 -6.61 34.56
N SER C 154 -51.09 -6.39 33.30
CA SER C 154 -51.13 -7.44 32.30
C SER C 154 -49.93 -7.32 31.35
N GLU C 155 -49.32 -8.47 31.04
CA GLU C 155 -48.12 -8.51 30.23
C GLU C 155 -48.39 -8.14 28.78
N ARG C 156 -47.37 -7.56 28.13
CA ARG C 156 -47.41 -7.21 26.71
C ARG C 156 -46.06 -7.55 26.11
N GLN C 157 -46.06 -8.41 25.08
CA GLN C 157 -44.87 -8.78 24.33
C GLN C 157 -44.84 -8.14 22.95
N ASN C 158 -45.99 -8.08 22.27
CA ASN C 158 -46.06 -7.47 20.96
C ASN C 158 -45.63 -6.01 21.02
N GLY C 159 -44.78 -5.60 20.06
CA GLY C 159 -44.27 -4.24 20.01
C GLY C 159 -43.06 -3.97 20.89
N VAL C 160 -42.50 -5.02 21.50
CA VAL C 160 -41.33 -4.91 22.35
C VAL C 160 -40.08 -5.22 21.53
N LEU C 161 -39.09 -4.33 21.58
CA LEU C 161 -37.81 -4.56 20.92
C LEU C 161 -36.67 -4.30 21.90
N ASN C 162 -35.71 -5.23 21.94
CA ASN C 162 -34.61 -5.17 22.89
C ASN C 162 -33.29 -5.04 22.16
N SER C 163 -32.32 -4.41 22.83
CA SER C 163 -30.97 -4.29 22.33
C SER C 163 -29.99 -4.38 23.50
N TRP C 164 -28.81 -4.95 23.25
CA TRP C 164 -27.81 -5.22 24.27
C TRP C 164 -26.46 -4.66 23.84
N THR C 165 -25.72 -4.08 24.78
CA THR C 165 -24.35 -3.65 24.51
C THR C 165 -23.40 -4.84 24.65
N ASP C 166 -22.20 -4.72 24.06
CA ASP C 166 -21.13 -5.67 24.36
C ASP C 166 -20.64 -5.34 25.75
N GLN C 167 -19.92 -6.30 26.36
CA GLN C 167 -19.40 -6.14 27.71
C GLN C 167 -18.51 -4.90 27.79
N ASP C 168 -18.67 -4.10 28.85
CA ASP C 168 -17.99 -2.83 28.97
C ASP C 168 -16.49 -2.99 29.24
N SER C 169 -15.65 -2.19 28.58
CA SER C 169 -14.22 -2.33 28.68
C SER C 169 -13.61 -1.79 29.99
N LYS C 170 -14.39 -1.00 30.73
CA LYS C 170 -13.94 -0.42 31.99
C LYS C 170 -14.39 -1.22 33.22
N ASP C 171 -15.67 -1.64 33.26
CA ASP C 171 -16.19 -2.33 34.43
C ASP C 171 -16.67 -3.76 34.19
N SER C 172 -16.60 -4.23 32.93
CA SER C 172 -16.94 -5.59 32.54
C SER C 172 -18.41 -5.97 32.78
N THR C 173 -19.30 -4.96 32.82
CA THR C 173 -20.72 -5.20 32.92
C THR C 173 -21.41 -5.20 31.57
N TYR C 174 -22.67 -5.66 31.55
CA TYR C 174 -23.55 -5.56 30.39
C TYR C 174 -24.67 -4.55 30.65
N SER C 175 -25.26 -4.04 29.56
CA SER C 175 -26.44 -3.21 29.64
C SER C 175 -27.44 -3.62 28.56
N MET C 176 -28.71 -3.28 28.78
CA MET C 176 -29.78 -3.64 27.87
C MET C 176 -30.80 -2.51 27.83
N SER C 177 -31.35 -2.26 26.63
CA SER C 177 -32.50 -1.39 26.47
C SER C 177 -33.71 -2.21 26.00
N SER C 178 -34.89 -1.85 26.47
CA SER C 178 -36.14 -2.47 26.04
C SER C 178 -37.13 -1.36 25.74
N THR C 179 -37.78 -1.43 24.57
CA THR C 179 -38.66 -0.40 24.10
C THR C 179 -40.00 -1.00 23.66
N LEU C 180 -41.06 -0.56 24.33
CA LEU C 180 -42.43 -0.94 24.02
C LEU C 180 -43.05 0.17 23.18
N THR C 181 -43.37 -0.14 21.91
CA THR C 181 -43.96 0.84 21.01
C THR C 181 -45.46 0.58 20.89
N LEU C 182 -46.25 1.62 21.14
CA LEU C 182 -47.70 1.61 21.08
C LEU C 182 -48.18 2.73 20.16
N THR C 183 -49.45 2.67 19.76
CA THR C 183 -50.12 3.84 19.23
C THR C 183 -50.42 4.76 20.41
N LYS C 184 -50.51 6.06 20.13
CA LYS C 184 -50.95 7.04 21.12
C LYS C 184 -52.31 6.64 21.67
N ASP C 185 -53.23 6.21 20.78
CA ASP C 185 -54.56 5.85 21.19
C ASP C 185 -54.56 4.72 22.22
N GLU C 186 -53.80 3.65 21.96
CA GLU C 186 -53.69 2.56 22.91
C GLU C 186 -53.03 3.03 24.20
N TYR C 187 -51.94 3.80 24.07
CA TYR C 187 -51.20 4.28 25.22
C TYR C 187 -52.11 5.04 26.19
N GLU C 188 -52.98 5.89 25.62
CA GLU C 188 -53.87 6.72 26.40
C GLU C 188 -55.03 5.97 27.07
N ARG C 189 -55.27 4.71 26.66
CA ARG C 189 -56.33 3.89 27.24
C ARG C 189 -55.92 3.11 28.49
N HIS C 190 -54.69 3.30 28.97
CA HIS C 190 -54.18 2.59 30.14
C HIS C 190 -53.41 3.57 31.03
N ASN C 191 -53.28 3.23 32.31
CA ASN C 191 -52.63 4.12 33.27
C ASN C 191 -51.22 3.67 33.69
N SER C 192 -51.10 2.41 34.15
CA SER C 192 -49.87 1.92 34.75
C SER C 192 -48.98 1.21 33.74
N TYR C 193 -47.70 1.61 33.70
CA TYR C 193 -46.72 1.01 32.81
C TYR C 193 -45.51 0.57 33.61
N THR C 194 -45.17 -0.72 33.51
CA THR C 194 -44.16 -1.34 34.34
C THR C 194 -43.10 -2.08 33.52
N CYS C 195 -41.83 -1.80 33.85
CA CYS C 195 -40.70 -2.57 33.37
C CYS C 195 -40.16 -3.46 34.49
N GLU C 196 -40.10 -4.76 34.23
CA GLU C 196 -39.75 -5.74 35.25
C GLU C 196 -38.50 -6.53 34.85
N ALA C 197 -37.43 -6.40 35.64
CA ALA C 197 -36.16 -7.06 35.35
C ALA C 197 -35.91 -8.25 36.29
N THR C 198 -35.76 -9.44 35.71
CA THR C 198 -35.40 -10.62 36.49
C THR C 198 -33.92 -10.95 36.24
N HIS C 199 -33.16 -11.10 37.32
CA HIS C 199 -31.71 -11.32 37.26
C HIS C 199 -31.31 -12.13 38.48
N LYS C 200 -30.25 -12.93 38.35
CA LYS C 200 -29.87 -13.87 39.41
C LYS C 200 -29.43 -13.16 40.70
N THR C 201 -29.19 -11.84 40.64
CA THR C 201 -28.74 -11.11 41.81
C THR C 201 -29.84 -10.87 42.84
N SER C 202 -31.09 -11.15 42.47
CA SER C 202 -32.19 -11.05 43.41
C SER C 202 -33.29 -12.07 43.12
N THR C 203 -33.93 -12.55 44.20
CA THR C 203 -34.99 -13.54 44.11
C THR C 203 -36.29 -12.92 43.59
N SER C 204 -36.49 -11.62 43.86
CA SER C 204 -37.62 -10.90 43.30
C SER C 204 -37.16 -9.97 42.17
N PRO C 205 -37.99 -9.73 41.14
CA PRO C 205 -37.61 -8.83 40.05
C PRO C 205 -37.48 -7.39 40.53
N ILE C 206 -36.67 -6.60 39.82
CA ILE C 206 -36.66 -5.16 39.99
C ILE C 206 -37.79 -4.60 39.13
N VAL C 207 -38.63 -3.77 39.77
CA VAL C 207 -39.83 -3.24 39.14
C VAL C 207 -39.74 -1.72 39.12
N LYS C 208 -39.83 -1.13 37.92
CA LYS C 208 -39.95 0.31 37.77
C LYS C 208 -41.22 0.62 36.99
N SER C 209 -42.00 1.57 37.51
CA SER C 209 -43.30 1.89 36.97
C SER C 209 -43.53 3.40 36.89
N PHE C 210 -44.52 3.79 36.09
CA PHE C 210 -45.06 5.14 36.12
C PHE C 210 -46.55 5.03 35.79
N ASN C 211 -47.31 6.02 36.26
CA ASN C 211 -48.71 6.16 35.92
C ASN C 211 -48.84 7.30 34.91
N ARG C 212 -49.49 7.03 33.78
CA ARG C 212 -49.69 8.03 32.76
C ARG C 212 -50.40 9.25 33.35
N ASN C 213 -51.15 9.03 34.44
CA ASN C 213 -51.77 10.06 35.26
C ASN C 213 -53.05 10.55 34.57
C1 EDO D . -24.66 -1.61 7.52
O1 EDO D . -24.53 -1.30 8.89
C2 EDO D . -23.36 -1.96 6.87
O2 EDO D . -22.92 -3.28 7.19
#